data_6C75
#
_entry.id   6C75
#
_cell.length_a   59.125
_cell.length_b   99.248
_cell.length_c   67.487
_cell.angle_alpha   90.00
_cell.angle_beta   103.16
_cell.angle_gamma   90.00
#
_symmetry.space_group_name_H-M   'P 1 21 1'
#
loop_
_entity.id
_entity.type
_entity.pdbx_description
1 polymer 'Alcohol dehydrogenase'
2 non-polymer 'FE (III) ION'
3 non-polymer 'NADP NICOTINAMIDE-ADENINE-DINUCLEOTIDE PHOSPHATE'
4 non-polymer "2'-MONOPHOSPHOADENOSINE-5'-DIPHOSPHATE"
5 water water
#
_entity_poly.entity_id   1
_entity_poly.type   'polypeptide(L)'
_entity_poly.pdbx_seq_one_letter_code
;MFWLKTRIIEGEGSLSRLSREVKGHERVLILASGSMKRHGFLSEAEDYVKEAGAEVFSIAGLPAEPSVEVIEEFLPKVRE
FGPDLLVAMGGGSVIDTTKALKVFYDAPELNFGEIAFIDRFSKPKPVPRLKTLLIAIPSTSGAGSEVSGASVLKKGGVKY
NIVTPEIAPDVAILDPRLPRTMPPEVARNSGLDVLVHGIEAYTTKVASPFSDAMAIKAIKTVYRWLPLSVKGDEEARARV
HYAATMAGIAFLNARLGLCHAMSHKAAWIGPHGLLNAVFLPYVMEFNASKSDYARRRYAEIARELGFQTAKDLIEVVKEL
NEMLGVPKLGELVDEETFASKVEEMAEKTYHDGLIAFNPVEPKPEEIKELYLKAYRGE
;
_entity_poly.pdbx_strand_id   A,B
#
# COMPACT_ATOMS: atom_id res chain seq x y z
N MET A 1 -12.05 1.86 -1.48
CA MET A 1 -11.46 1.11 -0.34
C MET A 1 -10.08 0.58 -0.69
N PHE A 2 -9.16 0.63 0.27
CA PHE A 2 -7.82 0.07 0.09
C PHE A 2 -7.41 -0.74 1.32
N TRP A 3 -6.85 -1.92 1.10
CA TRP A 3 -6.38 -2.75 2.19
C TRP A 3 -5.31 -3.72 1.70
N LEU A 4 -4.50 -4.20 2.62
CA LEU A 4 -3.46 -5.17 2.30
C LEU A 4 -3.24 -6.08 3.51
N LYS A 5 -3.70 -7.32 3.38
CA LYS A 5 -3.56 -8.29 4.47
C LYS A 5 -2.12 -8.76 4.60
N THR A 6 -1.44 -8.89 3.46
CA THR A 6 -0.16 -9.58 3.40
C THR A 6 0.95 -8.71 3.93
N ARG A 7 1.75 -9.25 4.84
CA ARG A 7 3.00 -8.64 5.22
C ARG A 7 4.09 -9.02 4.22
N ILE A 8 4.82 -8.02 3.73
CA ILE A 8 5.77 -8.22 2.64
C ILE A 8 7.18 -8.11 3.16
N ILE A 9 7.98 -9.15 2.91
CA ILE A 9 9.40 -9.13 3.26
C ILE A 9 10.27 -9.19 2.01
N GLU A 10 10.99 -8.12 1.74
CA GLU A 10 11.69 -7.97 0.46
C GLU A 10 13.20 -7.85 0.67
N GLY A 11 13.96 -8.18 -0.36
CA GLY A 11 15.41 -7.95 -0.36
C GLY A 11 16.23 -9.19 -0.68
N GLU A 12 17.51 -8.99 -0.96
CA GLU A 12 18.43 -10.08 -1.26
C GLU A 12 18.57 -11.04 -0.10
N GLY A 13 18.41 -12.34 -0.38
CA GLY A 13 18.59 -13.36 0.64
C GLY A 13 17.57 -13.32 1.75
N SER A 14 16.47 -12.61 1.50
CA SER A 14 15.41 -12.46 2.50
C SER A 14 14.66 -13.78 2.69
N LEU A 15 14.96 -14.76 1.83
CA LEU A 15 14.49 -16.12 2.04
C LEU A 15 14.96 -16.66 3.38
N SER A 16 16.09 -16.11 3.87
CA SER A 16 16.70 -16.58 5.12
C SER A 16 15.77 -16.28 6.30
N ARG A 17 14.67 -15.62 5.99
CA ARG A 17 13.74 -15.14 6.99
C ARG A 17 12.70 -16.16 7.33
N LEU A 18 12.48 -17.06 6.38
CA LEU A 18 11.61 -18.18 6.62
C LEU A 18 11.76 -18.70 8.05
N SER A 19 12.98 -18.65 8.59
CA SER A 19 13.26 -19.31 9.85
C SER A 19 12.59 -18.58 11.02
N ARG A 20 12.57 -17.26 10.96
CA ARG A 20 11.90 -16.46 12.00
C ARG A 20 10.39 -16.60 11.92
N GLU A 21 9.86 -16.70 10.70
CA GLU A 21 8.42 -16.73 10.48
C GLU A 21 7.78 -18.05 10.91
N VAL A 22 8.55 -19.14 10.84
CA VAL A 22 8.00 -20.47 11.13
C VAL A 22 8.18 -20.80 12.61
N LYS A 23 9.08 -20.08 13.27
CA LYS A 23 9.16 -20.12 14.73
C LYS A 23 7.77 -20.11 15.36
N GLY A 24 7.47 -21.15 16.12
CA GLY A 24 6.15 -21.29 16.73
C GLY A 24 5.40 -22.52 16.26
N HIS A 25 5.77 -23.03 15.09
CA HIS A 25 5.00 -24.07 14.41
C HIS A 25 5.79 -25.37 14.41
N GLU A 26 5.13 -26.46 14.03
CA GLU A 26 5.66 -27.80 14.27
C GLU A 26 5.79 -28.62 12.98
N ARG A 27 4.83 -28.46 12.08
CA ARG A 27 4.78 -29.28 10.87
C ARG A 27 4.59 -28.39 9.65
N VAL A 28 5.67 -28.17 8.92
CA VAL A 28 5.64 -27.29 7.75
C VAL A 28 5.54 -28.11 6.47
N LEU A 29 4.56 -27.75 5.63
CA LEU A 29 4.47 -28.29 4.29
C LEU A 29 4.90 -27.24 3.25
N ILE A 30 5.99 -27.53 2.54
CA ILE A 30 6.39 -26.72 1.40
C ILE A 30 5.90 -27.36 0.09
N LEU A 31 5.16 -26.59 -0.70
CA LEU A 31 4.85 -26.97 -2.07
C LEU A 31 5.63 -26.12 -3.05
N ALA A 32 6.35 -26.78 -3.95
CA ALA A 32 7.38 -26.09 -4.74
C ALA A 32 7.29 -26.47 -6.20
N SER A 33 7.75 -25.57 -7.06
CA SER A 33 7.93 -25.88 -8.47
C SER A 33 9.20 -26.70 -8.70
N GLY A 34 9.22 -27.44 -9.80
CA GLY A 34 10.36 -28.26 -10.14
C GLY A 34 11.66 -27.49 -10.14
N SER A 35 11.63 -26.28 -10.71
CA SER A 35 12.84 -25.49 -10.88
C SER A 35 13.49 -25.12 -9.54
N MET A 36 12.67 -24.93 -8.51
CA MET A 36 13.19 -24.52 -7.21
C MET A 36 14.02 -25.62 -6.57
N LYS A 37 13.66 -26.87 -6.84
CA LYS A 37 14.52 -28.01 -6.51
C LYS A 37 15.81 -28.01 -7.31
N ARG A 38 15.70 -27.90 -8.64
CA ARG A 38 16.86 -27.98 -9.53
C ARG A 38 17.93 -26.95 -9.21
N HIS A 39 17.50 -25.81 -8.65
CA HIS A 39 18.40 -24.67 -8.45
C HIS A 39 18.74 -24.46 -6.97
N GLY A 40 18.39 -25.44 -6.13
CA GLY A 40 18.96 -25.53 -4.79
C GLY A 40 18.22 -24.72 -3.76
N PHE A 41 17.26 -23.93 -4.21
CA PHE A 41 16.52 -23.04 -3.33
C PHE A 41 15.58 -23.81 -2.39
N LEU A 42 15.11 -24.96 -2.85
CA LEU A 42 14.26 -25.81 -2.02
C LEU A 42 15.04 -26.36 -0.81
N SER A 43 16.24 -26.85 -1.06
CA SER A 43 17.09 -27.34 0.02
C SER A 43 17.37 -26.23 1.02
N GLU A 44 17.73 -25.06 0.50
CA GLU A 44 17.95 -23.88 1.32
C GLU A 44 16.73 -23.60 2.21
N ALA A 45 15.54 -23.71 1.64
CA ALA A 45 14.32 -23.45 2.38
C ALA A 45 14.16 -24.44 3.52
N GLU A 46 14.43 -25.71 3.23
CA GLU A 46 14.22 -26.79 4.19
C GLU A 46 15.14 -26.61 5.40
N ASP A 47 16.38 -26.22 5.15
CA ASP A 47 17.35 -25.98 6.22
C ASP A 47 16.82 -24.93 7.20
N TYR A 48 16.31 -23.84 6.65
CA TYR A 48 15.80 -22.75 7.47
C TYR A 48 14.67 -23.20 8.38
N VAL A 49 13.80 -24.05 7.83
CA VAL A 49 12.66 -24.56 8.58
C VAL A 49 13.09 -25.49 9.71
N LYS A 50 13.97 -26.44 9.40
CA LYS A 50 14.59 -27.30 10.40
C LYS A 50 15.29 -26.48 11.48
N GLU A 51 15.95 -25.40 11.06
CA GLU A 51 16.72 -24.56 11.97
C GLU A 51 15.82 -23.87 13.01
N ALA A 52 14.54 -23.72 12.68
CA ALA A 52 13.57 -23.18 13.63
C ALA A 52 12.99 -24.28 14.50
N GLY A 53 13.37 -25.52 14.21
CA GLY A 53 13.01 -26.66 15.05
C GLY A 53 11.66 -27.24 14.70
N ALA A 54 11.33 -27.26 13.42
CA ALA A 54 10.07 -27.84 12.97
C ALA A 54 10.31 -28.92 11.93
N GLU A 55 9.39 -29.89 11.88
CA GLU A 55 9.41 -30.89 10.82
C GLU A 55 8.99 -30.27 9.49
N VAL A 56 9.79 -30.52 8.46
CA VAL A 56 9.48 -30.04 7.12
C VAL A 56 9.12 -31.23 6.23
N PHE A 57 8.28 -30.98 5.24
CA PHE A 57 8.00 -31.97 4.20
C PHE A 57 7.73 -31.24 2.90
N SER A 58 8.42 -31.66 1.83
CA SER A 58 8.37 -30.95 0.56
C SER A 58 7.67 -31.81 -0.49
N ILE A 59 6.83 -31.16 -1.30
CA ILE A 59 6.33 -31.74 -2.55
C ILE A 59 6.68 -30.81 -3.71
N ALA A 60 7.45 -31.33 -4.66
CA ALA A 60 8.00 -30.50 -5.73
C ALA A 60 7.42 -30.91 -7.07
N GLY A 61 7.55 -30.04 -8.07
CA GLY A 61 7.09 -30.36 -9.43
C GLY A 61 5.58 -30.21 -9.60
N LEU A 62 4.99 -29.28 -8.87
CA LEU A 62 3.64 -28.82 -9.16
C LEU A 62 3.57 -28.27 -10.59
N PRO A 63 2.52 -28.65 -11.33
CA PRO A 63 2.35 -28.23 -12.72
C PRO A 63 2.04 -26.74 -12.88
N ALA A 64 2.54 -26.16 -13.98
CA ALA A 64 2.12 -24.83 -14.41
C ALA A 64 0.66 -24.84 -14.87
N GLU A 65 0.02 -23.68 -14.82
CA GLU A 65 -1.38 -23.52 -15.24
C GLU A 65 -2.26 -24.67 -14.74
N PRO A 66 -2.40 -24.80 -13.42
CA PRO A 66 -3.06 -25.95 -12.81
C PRO A 66 -4.53 -26.07 -13.20
N SER A 67 -5.03 -27.30 -13.23
CA SER A 67 -6.45 -27.55 -13.39
C SER A 67 -7.06 -27.86 -12.02
N VAL A 68 -8.37 -28.08 -12.02
CA VAL A 68 -9.11 -28.43 -10.81
C VAL A 68 -8.71 -29.82 -10.28
N GLU A 69 -8.32 -30.70 -11.19
CA GLU A 69 -7.99 -32.08 -10.83
C GLU A 69 -6.60 -32.18 -10.18
N VAL A 70 -5.85 -31.09 -10.24
CA VAL A 70 -4.63 -30.95 -9.46
C VAL A 70 -4.93 -31.05 -7.96
N ILE A 71 -6.05 -30.47 -7.54
CA ILE A 71 -6.47 -30.57 -6.14
C ILE A 71 -6.62 -32.03 -5.72
N GLU A 72 -7.32 -32.81 -6.54
CA GLU A 72 -7.85 -34.10 -6.13
C GLU A 72 -6.75 -35.08 -5.77
N GLU A 73 -5.59 -34.95 -6.42
CA GLU A 73 -4.49 -35.88 -6.20
C GLU A 73 -3.58 -35.43 -5.07
N PHE A 74 -3.39 -34.11 -4.94
CA PHE A 74 -2.45 -33.57 -3.96
C PHE A 74 -3.06 -33.48 -2.57
N LEU A 75 -4.38 -33.31 -2.51
CA LEU A 75 -5.08 -33.04 -1.25
C LEU A 75 -4.98 -34.20 -0.26
N PRO A 76 -5.08 -35.44 -0.76
CA PRO A 76 -4.78 -36.60 0.08
C PRO A 76 -3.49 -36.44 0.87
N LYS A 77 -2.49 -35.82 0.24
CA LYS A 77 -1.14 -35.75 0.79
C LYS A 77 -1.09 -34.83 1.99
N VAL A 78 -1.70 -33.66 1.84
CA VAL A 78 -1.70 -32.66 2.89
C VAL A 78 -2.28 -33.25 4.17
N ARG A 79 -3.43 -33.92 4.04
CA ARG A 79 -4.11 -34.50 5.18
C ARG A 79 -3.24 -35.55 5.86
N GLU A 80 -2.65 -36.41 5.04
CA GLU A 80 -1.64 -37.37 5.49
C GLU A 80 -0.62 -36.72 6.44
N PHE A 81 -0.03 -35.60 6.03
CA PHE A 81 1.03 -34.95 6.80
C PHE A 81 0.47 -34.08 7.92
N GLY A 82 -0.43 -33.16 7.56
CA GLY A 82 -1.20 -32.41 8.55
C GLY A 82 -0.47 -31.19 9.08
N PRO A 83 -0.18 -30.22 8.19
CA PRO A 83 0.66 -29.09 8.56
C PRO A 83 -0.11 -28.05 9.34
N ASP A 84 0.62 -27.23 10.10
CA ASP A 84 0.06 -26.02 10.69
C ASP A 84 0.68 -24.78 10.06
N LEU A 85 1.52 -24.99 9.04
CA LEU A 85 2.00 -23.91 8.19
C LEU A 85 2.15 -24.39 6.75
N LEU A 86 1.62 -23.63 5.81
CA LEU A 86 1.84 -23.87 4.39
C LEU A 86 2.83 -22.86 3.80
N VAL A 87 3.76 -23.37 2.99
CA VAL A 87 4.66 -22.51 2.23
C VAL A 87 4.54 -22.84 0.74
N ALA A 88 4.25 -21.83 -0.07
CA ALA A 88 4.27 -21.97 -1.52
C ALA A 88 5.55 -21.35 -2.08
N MET A 89 6.32 -22.16 -2.79
CA MET A 89 7.54 -21.66 -3.41
C MET A 89 7.58 -21.99 -4.90
N GLY A 90 7.41 -20.97 -5.73
CA GLY A 90 7.19 -21.16 -7.16
C GLY A 90 6.58 -19.94 -7.80
N GLY A 91 6.07 -20.11 -9.02
CA GLY A 91 5.33 -19.05 -9.69
C GLY A 91 3.87 -19.07 -9.27
N GLY A 92 3.06 -18.28 -9.97
CA GLY A 92 1.65 -18.10 -9.59
C GLY A 92 0.87 -19.41 -9.57
N SER A 93 1.17 -20.27 -10.55
CA SER A 93 0.53 -21.57 -10.59
C SER A 93 0.64 -22.30 -9.26
N VAL A 94 1.84 -22.28 -8.69
CA VAL A 94 2.13 -23.06 -7.48
C VAL A 94 1.45 -22.41 -6.27
N ILE A 95 1.53 -21.10 -6.21
CA ILE A 95 0.93 -20.36 -5.11
C ILE A 95 -0.61 -20.51 -5.13
N ASP A 96 -1.19 -20.56 -6.33
CA ASP A 96 -2.64 -20.73 -6.46
C ASP A 96 -3.08 -22.12 -6.01
N THR A 97 -2.25 -23.12 -6.30
CA THR A 97 -2.57 -24.50 -5.93
C THR A 97 -2.54 -24.65 -4.42
N THR A 98 -1.51 -24.09 -3.81
CA THR A 98 -1.40 -24.03 -2.37
C THR A 98 -2.60 -23.32 -1.74
N LYS A 99 -2.98 -22.20 -2.34
CA LYS A 99 -4.17 -21.47 -1.90
C LYS A 99 -5.40 -22.37 -1.91
N ALA A 100 -5.65 -23.00 -3.06
CA ALA A 100 -6.80 -23.86 -3.21
C ALA A 100 -6.78 -24.96 -2.15
N LEU A 101 -5.60 -25.51 -1.90
CA LEU A 101 -5.45 -26.62 -0.97
C LEU A 101 -5.81 -26.19 0.44
N LYS A 102 -5.46 -24.97 0.81
CA LYS A 102 -5.80 -24.45 2.13
C LYS A 102 -7.31 -24.51 2.33
N VAL A 103 -8.07 -24.16 1.30
CA VAL A 103 -9.52 -24.09 1.41
C VAL A 103 -10.08 -25.45 1.77
N PHE A 104 -9.67 -26.46 1.01
CA PHE A 104 -10.22 -27.80 1.16
C PHE A 104 -9.59 -28.53 2.33
N TYR A 105 -8.42 -28.07 2.75
CA TYR A 105 -7.80 -28.56 3.97
C TYR A 105 -8.56 -28.09 5.20
N ASP A 106 -8.84 -26.78 5.25
CA ASP A 106 -9.37 -26.15 6.45
C ASP A 106 -10.90 -26.21 6.51
N ALA A 107 -11.54 -26.30 5.34
CA ALA A 107 -13.00 -26.34 5.26
C ALA A 107 -13.43 -27.48 4.36
N PRO A 108 -13.47 -28.71 4.91
CA PRO A 108 -13.55 -29.91 4.07
C PRO A 108 -14.96 -30.16 3.53
N GLU A 109 -15.89 -29.26 3.82
CA GLU A 109 -17.28 -29.44 3.42
C GLU A 109 -17.62 -28.65 2.16
N LEU A 110 -16.59 -28.05 1.54
CA LEU A 110 -16.80 -27.23 0.36
C LEU A 110 -16.38 -27.98 -0.90
N ASN A 111 -16.83 -27.50 -2.05
CA ASN A 111 -16.34 -28.01 -3.33
C ASN A 111 -16.34 -26.92 -4.41
N PHE A 112 -15.44 -27.06 -5.39
CA PHE A 112 -15.04 -25.96 -6.27
C PHE A 112 -16.26 -25.22 -6.83
N GLY A 113 -17.26 -25.97 -7.28
CA GLY A 113 -18.41 -25.42 -7.99
C GLY A 113 -19.35 -24.62 -7.10
N GLU A 114 -19.44 -25.01 -5.82
CA GLU A 114 -20.14 -24.21 -4.82
C GLU A 114 -19.60 -22.79 -4.77
N ILE A 115 -18.27 -22.68 -4.63
CA ILE A 115 -17.66 -21.46 -4.11
C ILE A 115 -16.97 -20.65 -5.20
N ALA A 116 -16.90 -21.22 -6.41
CA ALA A 116 -16.14 -20.61 -7.50
C ALA A 116 -17.00 -19.64 -8.32
N PHE A 117 -16.41 -18.52 -8.71
CA PHE A 117 -17.05 -17.57 -9.62
C PHE A 117 -17.13 -18.12 -11.05
N ILE A 118 -18.25 -18.77 -11.37
CA ILE A 118 -18.50 -19.26 -12.73
C ILE A 118 -19.30 -18.24 -13.53
N ASP A 119 -20.52 -17.99 -13.09
CA ASP A 119 -21.38 -16.97 -13.70
C ASP A 119 -21.29 -15.67 -12.90
N ARG A 120 -21.23 -14.54 -13.60
CA ARG A 120 -21.49 -13.24 -13.00
C ARG A 120 -22.69 -13.29 -12.03
N PHE A 121 -23.74 -13.97 -12.47
CA PHE A 121 -25.10 -13.65 -12.01
C PHE A 121 -25.54 -14.61 -10.90
N SER A 122 -25.18 -15.87 -11.03
CA SER A 122 -25.36 -16.83 -9.95
C SER A 122 -24.21 -16.73 -8.95
N LYS A 123 -24.43 -15.95 -7.89
CA LYS A 123 -23.44 -15.77 -6.84
C LYS A 123 -23.18 -17.06 -6.07
N PRO A 124 -21.95 -17.26 -5.60
CA PRO A 124 -21.52 -18.53 -5.02
C PRO A 124 -21.62 -18.57 -3.50
N LYS A 125 -21.46 -19.76 -2.93
CA LYS A 125 -21.41 -19.91 -1.48
C LYS A 125 -20.16 -19.25 -0.90
N PRO A 126 -20.33 -18.40 0.13
CA PRO A 126 -19.19 -17.73 0.77
C PRO A 126 -18.26 -18.69 1.45
N VAL A 127 -17.00 -18.29 1.60
CA VAL A 127 -15.98 -19.13 2.25
C VAL A 127 -15.83 -18.69 3.70
N PRO A 128 -15.96 -19.65 4.64
CA PRO A 128 -15.83 -19.40 6.07
C PRO A 128 -14.40 -19.10 6.50
N ARG A 129 -14.23 -18.63 7.74
CA ARG A 129 -12.92 -18.37 8.29
C ARG A 129 -12.08 -19.65 8.29
N LEU A 130 -10.87 -19.53 7.75
CA LEU A 130 -9.89 -20.61 7.80
C LEU A 130 -8.78 -20.23 8.78
N LYS A 131 -7.83 -21.13 8.99
CA LYS A 131 -6.99 -21.07 10.18
C LYS A 131 -5.52 -21.18 9.87
N THR A 132 -5.19 -21.90 8.81
CA THR A 132 -3.80 -22.28 8.54
C THR A 132 -3.01 -21.14 7.90
N LEU A 133 -1.91 -20.78 8.55
CA LEU A 133 -1.00 -19.76 8.04
C LEU A 133 -0.44 -20.14 6.68
N LEU A 134 -0.31 -19.14 5.80
CA LEU A 134 0.19 -19.35 4.45
C LEU A 134 1.28 -18.31 4.11
N ILE A 135 2.42 -18.81 3.67
CA ILE A 135 3.54 -17.96 3.27
C ILE A 135 3.86 -18.19 1.80
N ALA A 136 3.86 -17.12 1.01
CA ALA A 136 4.12 -17.24 -0.43
C ALA A 136 5.48 -16.69 -0.78
N ILE A 137 6.15 -17.37 -1.70
CA ILE A 137 7.50 -17.00 -2.10
C ILE A 137 7.61 -17.09 -3.63
N PRO A 138 7.23 -16.01 -4.33
CA PRO A 138 7.20 -16.00 -5.79
C PRO A 138 8.59 -16.10 -6.43
N SER A 139 8.71 -16.91 -7.46
CA SER A 139 9.99 -17.13 -8.13
C SER A 139 9.95 -16.63 -9.56
N THR A 140 8.76 -16.24 -10.01
CA THR A 140 8.62 -15.44 -11.22
C THR A 140 8.24 -13.99 -10.89
N SER A 141 8.18 -13.15 -11.92
CA SER A 141 7.99 -11.72 -11.72
C SER A 141 7.09 -11.11 -12.78
N GLY A 142 5.83 -11.53 -12.84
CA GLY A 142 5.18 -12.27 -11.76
C GLY A 142 3.68 -12.13 -11.85
N ALA A 143 2.97 -13.04 -11.19
CA ALA A 143 1.51 -13.10 -11.28
C ALA A 143 0.83 -12.27 -10.21
N GLY A 144 1.56 -11.95 -9.14
CA GLY A 144 1.02 -11.12 -8.06
C GLY A 144 0.11 -11.90 -7.12
N SER A 145 0.09 -13.22 -7.29
CA SER A 145 -0.76 -14.07 -6.48
C SER A 145 -0.31 -14.11 -5.02
N GLU A 146 0.90 -13.64 -4.76
CA GLU A 146 1.46 -13.66 -3.42
C GLU A 146 0.84 -12.62 -2.49
N VAL A 147 0.05 -11.71 -3.06
CA VAL A 147 -0.71 -10.73 -2.24
C VAL A 147 -2.21 -10.76 -2.52
N SER A 148 -2.63 -11.52 -3.52
CA SER A 148 -4.02 -11.48 -3.96
C SER A 148 -4.86 -12.47 -3.15
N GLY A 149 -6.18 -12.33 -3.23
CA GLY A 149 -7.10 -13.21 -2.54
C GLY A 149 -7.76 -14.17 -3.50
N ALA A 150 -7.18 -14.31 -4.68
CA ALA A 150 -7.77 -15.13 -5.73
C ALA A 150 -6.94 -16.38 -5.96
N SER A 151 -7.60 -17.43 -6.44
CA SER A 151 -6.92 -18.58 -7.01
C SER A 151 -7.60 -19.03 -8.29
N VAL A 152 -6.80 -19.26 -9.33
CA VAL A 152 -7.31 -19.46 -10.67
C VAL A 152 -7.05 -20.90 -11.11
N LEU A 153 -8.11 -21.71 -11.16
CA LEU A 153 -8.00 -23.07 -11.68
C LEU A 153 -8.74 -23.25 -13.02
N LYS A 154 -8.16 -24.05 -13.90
CA LYS A 154 -8.86 -24.52 -15.11
C LYS A 154 -9.85 -25.64 -14.78
N LYS A 155 -11.11 -25.44 -15.17
CA LYS A 155 -12.01 -26.57 -15.44
C LYS A 155 -12.38 -26.61 -16.93
N GLY A 156 -11.85 -27.60 -17.64
CA GLY A 156 -12.13 -27.76 -19.07
C GLY A 156 -11.52 -26.68 -19.94
N GLY A 157 -10.23 -26.43 -19.75
CA GLY A 157 -9.51 -25.46 -20.58
C GLY A 157 -10.02 -24.03 -20.44
N VAL A 158 -10.68 -23.75 -19.33
CA VAL A 158 -11.17 -22.39 -19.04
C VAL A 158 -10.87 -22.01 -17.59
N LYS A 159 -10.47 -20.77 -17.38
CA LYS A 159 -10.05 -20.30 -16.07
C LYS A 159 -11.21 -19.66 -15.30
N TYR A 160 -11.37 -20.08 -14.04
CA TYR A 160 -12.31 -19.45 -13.11
C TYR A 160 -11.60 -19.10 -11.81
N ASN A 161 -12.22 -18.23 -11.01
CA ASN A 161 -11.64 -17.81 -9.74
C ASN A 161 -12.37 -18.41 -8.53
N ILE A 162 -11.60 -18.79 -7.50
CA ILE A 162 -12.03 -18.59 -6.11
C ILE A 162 -11.51 -17.26 -5.57
N VAL A 163 -12.38 -16.51 -4.91
CA VAL A 163 -11.98 -15.25 -4.30
C VAL A 163 -12.44 -15.17 -2.85
N THR A 164 -11.48 -14.98 -1.96
CA THR A 164 -11.76 -14.63 -0.58
C THR A 164 -10.49 -14.17 0.11
N PRO A 165 -10.61 -13.24 1.07
CA PRO A 165 -9.43 -12.72 1.75
C PRO A 165 -8.81 -13.74 2.71
N GLU A 166 -9.53 -14.84 2.93
CA GLU A 166 -9.01 -15.94 3.74
C GLU A 166 -7.82 -16.64 3.09
N ILE A 167 -7.72 -16.60 1.75
CA ILE A 167 -6.59 -17.22 1.06
C ILE A 167 -5.53 -16.22 0.59
N ALA A 168 -5.69 -14.94 0.89
CA ALA A 168 -4.60 -14.00 0.69
C ALA A 168 -3.45 -14.34 1.64
N PRO A 169 -2.23 -14.43 1.11
CA PRO A 169 -1.17 -14.99 1.93
C PRO A 169 -0.86 -14.11 3.13
N ASP A 170 -0.46 -14.73 4.23
CA ASP A 170 -0.16 -13.98 5.44
C ASP A 170 1.18 -13.25 5.31
N VAL A 171 2.12 -13.87 4.61
CA VAL A 171 3.43 -13.26 4.36
C VAL A 171 3.87 -13.55 2.94
N ALA A 172 4.46 -12.55 2.30
CA ALA A 172 5.12 -12.72 1.00
C ALA A 172 6.59 -12.39 1.14
N ILE A 173 7.45 -13.32 0.74
CA ILE A 173 8.89 -13.08 0.76
C ILE A 173 9.42 -12.89 -0.65
N LEU A 174 10.09 -11.75 -0.86
CA LEU A 174 10.52 -11.35 -2.19
C LEU A 174 12.04 -11.36 -2.26
N ASP A 175 12.59 -12.46 -2.76
CA ASP A 175 14.04 -12.63 -2.89
C ASP A 175 14.42 -12.67 -4.37
N PRO A 176 15.16 -11.66 -4.84
CA PRO A 176 15.47 -11.53 -6.27
C PRO A 176 16.36 -12.67 -6.78
N ARG A 177 17.06 -13.34 -5.87
CA ARG A 177 17.82 -14.54 -6.24
C ARG A 177 16.97 -15.57 -7.00
N LEU A 178 15.72 -15.72 -6.61
CA LEU A 178 14.87 -16.75 -7.22
C LEU A 178 14.55 -16.44 -8.69
N PRO A 179 13.96 -15.28 -8.97
CA PRO A 179 13.58 -14.99 -10.36
C PRO A 179 14.77 -14.87 -11.31
N ARG A 180 15.99 -14.79 -10.78
CA ARG A 180 17.17 -14.64 -11.62
C ARG A 180 17.47 -15.88 -12.44
N THR A 181 16.85 -17.00 -12.07
CA THR A 181 17.01 -18.25 -12.81
C THR A 181 15.90 -18.48 -13.84
N MET A 182 14.95 -17.56 -13.95
CA MET A 182 13.95 -17.61 -15.01
C MET A 182 14.65 -17.62 -16.36
N PRO A 183 14.33 -18.63 -17.20
CA PRO A 183 14.64 -18.51 -18.63
C PRO A 183 13.89 -17.36 -19.27
N PRO A 184 14.47 -16.75 -20.31
CA PRO A 184 14.06 -15.41 -20.74
C PRO A 184 12.61 -15.34 -21.23
N GLU A 185 12.05 -16.45 -21.67
CA GLU A 185 10.65 -16.47 -22.13
C GLU A 185 9.67 -16.46 -20.96
N VAL A 186 10.02 -17.14 -19.87
CA VAL A 186 9.26 -17.03 -18.62
C VAL A 186 9.34 -15.62 -18.06
N ALA A 187 10.52 -15.01 -18.18
CA ALA A 187 10.73 -13.65 -17.70
C ALA A 187 9.99 -12.66 -18.57
N ARG A 188 9.90 -12.94 -19.86
CA ARG A 188 9.13 -12.09 -20.74
C ARG A 188 7.63 -12.19 -20.40
N ASN A 189 7.13 -13.42 -20.35
CA ASN A 189 5.69 -13.66 -20.24
C ASN A 189 5.14 -13.16 -18.92
N SER A 190 5.78 -13.52 -17.82
CA SER A 190 5.34 -13.08 -16.51
C SER A 190 5.56 -11.57 -16.36
N GLY A 191 6.57 -11.05 -17.04
CA GLY A 191 6.89 -9.62 -16.97
C GLY A 191 5.85 -8.74 -17.67
N LEU A 192 5.28 -9.25 -18.75
CA LEU A 192 4.25 -8.50 -19.48
C LEU A 192 2.91 -8.59 -18.77
N ASP A 193 2.72 -9.64 -17.98
CA ASP A 193 1.58 -9.75 -17.08
C ASP A 193 1.55 -8.58 -16.09
N VAL A 194 2.70 -8.26 -15.52
CA VAL A 194 2.83 -7.07 -14.67
C VAL A 194 2.31 -5.82 -15.38
N LEU A 195 2.80 -5.56 -16.59
CA LEU A 195 2.43 -4.38 -17.35
C LEU A 195 0.92 -4.31 -17.56
N VAL A 196 0.33 -5.45 -17.90
CA VAL A 196 -1.11 -5.52 -18.17
C VAL A 196 -1.92 -5.33 -16.89
N HIS A 197 -1.49 -5.97 -15.81
CA HIS A 197 -2.08 -5.71 -14.49
C HIS A 197 -2.11 -4.21 -14.16
N GLY A 198 -0.96 -3.56 -14.33
CA GLY A 198 -0.84 -2.14 -14.01
C GLY A 198 -1.84 -1.31 -14.78
N ILE A 199 -1.94 -1.57 -16.08
CA ILE A 199 -2.74 -0.75 -16.96
C ILE A 199 -4.22 -1.01 -16.72
N GLU A 200 -4.58 -2.27 -16.50
CA GLU A 200 -5.96 -2.61 -16.21
C GLU A 200 -6.40 -2.06 -14.85
N ALA A 201 -5.53 -2.20 -13.85
CA ALA A 201 -5.86 -1.75 -12.51
C ALA A 201 -5.98 -0.23 -12.43
N TYR A 202 -5.28 0.45 -13.34
CA TYR A 202 -5.36 1.90 -13.44
C TYR A 202 -6.68 2.36 -14.07
N THR A 203 -7.35 1.47 -14.79
CA THR A 203 -8.45 1.88 -15.66
C THR A 203 -9.79 1.26 -15.28
N THR A 204 -9.84 0.50 -14.19
CA THR A 204 -11.12 -0.05 -13.75
C THR A 204 -12.00 1.06 -13.20
N LYS A 205 -13.26 0.72 -12.92
CA LYS A 205 -14.24 1.66 -12.41
C LYS A 205 -13.94 2.00 -10.96
N VAL A 206 -12.99 1.28 -10.37
CA VAL A 206 -12.88 1.22 -8.92
C VAL A 206 -11.45 1.59 -8.50
N ALA A 207 -10.63 1.95 -9.47
CA ALA A 207 -9.32 2.52 -9.19
C ALA A 207 -9.46 3.60 -8.13
N SER A 208 -8.72 3.47 -7.02
CA SER A 208 -8.50 4.57 -6.10
C SER A 208 -7.12 5.18 -6.32
N PRO A 209 -6.89 6.37 -5.77
CA PRO A 209 -5.56 6.98 -5.71
C PRO A 209 -4.52 6.02 -5.14
N PHE A 210 -4.97 5.18 -4.21
CA PHE A 210 -4.06 4.39 -3.41
C PHE A 210 -3.52 3.23 -4.24
N SER A 211 -4.40 2.58 -4.98
CA SER A 211 -3.99 1.54 -5.92
C SER A 211 -3.23 2.11 -7.10
N ASP A 212 -3.66 3.29 -7.57
CA ASP A 212 -2.97 4.00 -8.65
C ASP A 212 -1.47 4.17 -8.37
N ALA A 213 -1.16 4.50 -7.12
CA ALA A 213 0.23 4.74 -6.74
C ALA A 213 1.09 3.50 -6.99
N MET A 214 0.55 2.34 -6.63
CA MET A 214 1.25 1.08 -6.81
C MET A 214 1.29 0.72 -8.28
N ALA A 215 0.20 1.02 -8.98
CA ALA A 215 0.03 0.60 -10.36
C ALA A 215 0.98 1.36 -11.27
N ILE A 216 1.15 2.65 -10.98
CA ILE A 216 1.91 3.54 -11.85
C ILE A 216 3.41 3.28 -11.67
N LYS A 217 3.83 3.08 -10.42
CA LYS A 217 5.21 2.71 -10.14
C LYS A 217 5.55 1.37 -10.79
N ALA A 218 4.59 0.47 -10.81
CA ALA A 218 4.78 -0.84 -11.43
C ALA A 218 5.00 -0.69 -12.93
N ILE A 219 4.14 0.11 -13.56
CA ILE A 219 4.17 0.30 -15.00
C ILE A 219 5.50 0.92 -15.46
N LYS A 220 5.89 2.01 -14.82
CA LYS A 220 7.17 2.67 -15.10
C LYS A 220 8.35 1.71 -14.96
N THR A 221 8.38 0.96 -13.87
CA THR A 221 9.52 0.10 -13.57
C THR A 221 9.67 -0.96 -14.65
N VAL A 222 8.55 -1.58 -15.02
CA VAL A 222 8.57 -2.64 -16.02
C VAL A 222 8.98 -2.11 -17.39
N TYR A 223 8.43 -0.96 -17.79
CA TYR A 223 8.73 -0.38 -19.08
C TYR A 223 10.23 -0.11 -19.26
N ARG A 224 10.84 0.43 -18.21
CA ARG A 224 12.25 0.78 -18.27
C ARG A 224 13.15 -0.46 -18.21
N TRP A 225 12.74 -1.47 -17.43
CA TRP A 225 13.67 -2.47 -16.93
C TRP A 225 13.52 -3.86 -17.54
N LEU A 226 12.38 -4.14 -18.17
CA LEU A 226 12.09 -5.51 -18.58
C LEU A 226 12.95 -6.01 -19.75
N PRO A 227 13.20 -5.15 -20.75
CA PRO A 227 14.12 -5.52 -21.83
C PRO A 227 15.49 -5.97 -21.32
N LEU A 228 16.06 -5.21 -20.39
CA LEU A 228 17.30 -5.61 -19.75
C LEU A 228 17.14 -6.90 -18.95
N SER A 229 15.97 -7.08 -18.33
CA SER A 229 15.74 -8.26 -17.51
C SER A 229 15.65 -9.51 -18.38
N VAL A 230 15.03 -9.38 -19.55
CA VAL A 230 14.87 -10.51 -20.45
C VAL A 230 16.22 -11.02 -20.94
N LYS A 231 17.20 -10.11 -21.06
CA LYS A 231 18.56 -10.47 -21.43
C LYS A 231 19.33 -11.07 -20.25
N GLY A 232 19.00 -10.64 -19.04
CA GLY A 232 19.48 -11.31 -17.84
C GLY A 232 20.24 -10.38 -16.90
N ASP A 233 20.03 -9.08 -17.05
CA ASP A 233 20.61 -8.11 -16.12
C ASP A 233 20.11 -8.38 -14.70
N GLU A 234 21.05 -8.68 -13.81
CA GLU A 234 20.75 -9.09 -12.44
C GLU A 234 19.95 -8.02 -11.70
N GLU A 235 20.33 -6.77 -11.91
CA GLU A 235 19.66 -5.64 -11.26
C GLU A 235 18.23 -5.52 -11.76
N ALA A 236 18.06 -5.57 -13.08
CA ALA A 236 16.77 -5.41 -13.69
C ALA A 236 15.79 -6.46 -13.18
N ARG A 237 16.30 -7.66 -12.92
CA ARG A 237 15.48 -8.76 -12.39
C ARG A 237 14.94 -8.41 -11.01
N ALA A 238 15.80 -7.87 -10.15
CA ALA A 238 15.37 -7.41 -8.84
C ALA A 238 14.24 -6.40 -8.97
N ARG A 239 14.39 -5.45 -9.88
CA ARG A 239 13.52 -4.29 -9.91
C ARG A 239 12.13 -4.66 -10.41
N VAL A 240 12.08 -5.59 -11.35
CA VAL A 240 10.82 -6.06 -11.91
C VAL A 240 10.13 -7.03 -10.94
N HIS A 241 10.93 -7.67 -10.10
CA HIS A 241 10.38 -8.57 -9.07
C HIS A 241 9.51 -7.79 -8.08
N TYR A 242 10.06 -6.71 -7.54
CA TYR A 242 9.31 -5.88 -6.61
C TYR A 242 8.12 -5.20 -7.28
N ALA A 243 8.26 -4.90 -8.56
CA ALA A 243 7.19 -4.30 -9.35
C ALA A 243 6.03 -5.28 -9.53
N ALA A 244 6.34 -6.56 -9.69
CA ALA A 244 5.31 -7.56 -9.85
C ALA A 244 4.36 -7.52 -8.66
N THR A 245 4.91 -7.31 -7.47
CA THR A 245 4.12 -7.30 -6.25
C THR A 245 3.34 -5.98 -6.11
N MET A 246 3.95 -4.89 -6.54
CA MET A 246 3.25 -3.60 -6.60
C MET A 246 1.98 -3.72 -7.44
N ALA A 247 2.11 -4.36 -8.60
CA ALA A 247 0.97 -4.55 -9.47
C ALA A 247 -0.06 -5.44 -8.80
N GLY A 248 0.40 -6.47 -8.10
CA GLY A 248 -0.48 -7.30 -7.29
C GLY A 248 -1.31 -6.51 -6.30
N ILE A 249 -0.65 -5.67 -5.51
CA ILE A 249 -1.34 -4.86 -4.51
C ILE A 249 -2.40 -3.99 -5.17
N ALA A 250 -2.06 -3.45 -6.34
CA ALA A 250 -2.98 -2.58 -7.07
C ALA A 250 -4.25 -3.33 -7.49
N PHE A 251 -4.12 -4.53 -8.03
CA PHE A 251 -5.28 -5.22 -8.57
C PHE A 251 -6.00 -6.09 -7.53
N LEU A 252 -5.33 -6.37 -6.42
CA LEU A 252 -6.03 -6.81 -5.22
C LEU A 252 -7.18 -5.85 -4.92
N ASN A 253 -6.92 -4.56 -5.06
CA ASN A 253 -7.85 -3.52 -4.61
C ASN A 253 -8.70 -2.96 -5.77
N ALA A 254 -8.07 -2.74 -6.92
CA ALA A 254 -8.75 -2.10 -8.05
C ALA A 254 -9.37 -3.13 -9.00
N ARG A 255 -9.00 -4.41 -8.83
CA ARG A 255 -9.47 -5.48 -9.70
C ARG A 255 -8.83 -5.37 -11.08
N LEU A 256 -9.32 -6.20 -12.01
CA LEU A 256 -8.84 -6.20 -13.40
C LEU A 256 -10.04 -6.17 -14.36
N GLY A 257 -9.77 -6.22 -15.65
CA GLY A 257 -10.78 -5.90 -16.66
C GLY A 257 -10.88 -6.91 -17.79
N LEU A 258 -11.16 -6.40 -18.98
CA LEU A 258 -11.61 -7.22 -20.11
C LEU A 258 -10.49 -8.10 -20.67
N CYS A 259 -9.27 -7.57 -20.65
CA CYS A 259 -8.11 -8.29 -21.14
C CYS A 259 -7.91 -9.61 -20.38
N HIS A 260 -8.03 -9.57 -19.06
CA HIS A 260 -7.85 -10.75 -18.24
C HIS A 260 -9.00 -11.72 -18.40
N ALA A 261 -10.23 -11.20 -18.42
CA ALA A 261 -11.40 -12.02 -18.72
C ALA A 261 -11.21 -12.76 -20.05
N MET A 262 -10.73 -12.05 -21.07
CA MET A 262 -10.49 -12.65 -22.38
C MET A 262 -9.39 -13.72 -22.31
N SER A 263 -8.27 -13.38 -21.68
CA SER A 263 -7.17 -14.33 -21.47
C SER A 263 -7.61 -15.60 -20.77
N HIS A 264 -8.48 -15.47 -19.77
CA HIS A 264 -8.89 -16.61 -18.96
C HIS A 264 -9.70 -17.63 -19.77
N LYS A 265 -10.57 -17.14 -20.66
CA LYS A 265 -11.41 -18.02 -21.49
C LYS A 265 -10.65 -18.60 -22.68
N ALA A 266 -9.54 -17.98 -23.04
CA ALA A 266 -8.70 -18.46 -24.13
C ALA A 266 -7.43 -19.13 -23.59
N ALA A 267 -7.55 -19.68 -22.39
CA ALA A 267 -6.38 -20.19 -21.66
C ALA A 267 -5.84 -21.46 -22.33
N TRP A 268 -6.72 -22.16 -23.04
CA TRP A 268 -6.35 -23.41 -23.72
C TRP A 268 -5.31 -23.18 -24.82
N ILE A 269 -5.09 -21.92 -25.17
CA ILE A 269 -4.24 -21.58 -26.30
C ILE A 269 -2.76 -21.47 -25.90
N GLY A 270 -2.48 -20.89 -24.74
CA GLY A 270 -1.11 -20.51 -24.40
C GLY A 270 -0.93 -19.94 -23.00
N PRO A 271 0.32 -19.60 -22.66
CA PRO A 271 0.65 -19.02 -21.36
C PRO A 271 -0.13 -17.73 -21.09
N HIS A 272 -0.58 -17.61 -19.85
CA HIS A 272 -1.41 -16.47 -19.42
C HIS A 272 -0.79 -15.13 -19.80
N GLY A 273 0.49 -14.96 -19.48
CA GLY A 273 1.18 -13.68 -19.69
C GLY A 273 1.26 -13.32 -21.17
N LEU A 274 1.52 -14.34 -22.00
CA LEU A 274 1.59 -14.15 -23.44
C LEU A 274 0.26 -13.64 -24.01
N LEU A 275 -0.83 -14.32 -23.66
CA LEU A 275 -2.14 -14.04 -24.26
C LEU A 275 -2.58 -12.63 -23.92
N ASN A 276 -2.42 -12.26 -22.65
CA ASN A 276 -2.66 -10.90 -22.20
C ASN A 276 -1.90 -9.85 -23.02
N ALA A 277 -0.63 -10.11 -23.27
CA ALA A 277 0.20 -9.18 -24.04
C ALA A 277 -0.37 -9.06 -25.45
N VAL A 278 -0.92 -10.15 -25.96
CA VAL A 278 -1.44 -10.16 -27.32
C VAL A 278 -2.75 -9.38 -27.43
N PHE A 279 -3.65 -9.61 -26.48
CA PHE A 279 -4.96 -8.95 -26.49
C PHE A 279 -4.91 -7.47 -26.09
N LEU A 280 -3.93 -7.08 -25.29
CA LEU A 280 -3.99 -5.78 -24.60
C LEU A 280 -4.17 -4.60 -25.56
N PRO A 281 -3.34 -4.52 -26.61
CA PRO A 281 -3.45 -3.37 -27.52
C PRO A 281 -4.83 -3.24 -28.17
N TYR A 282 -5.53 -4.37 -28.32
CA TYR A 282 -6.87 -4.36 -28.89
C TYR A 282 -7.91 -3.98 -27.84
N VAL A 283 -7.70 -4.42 -26.60
CA VAL A 283 -8.59 -4.04 -25.53
C VAL A 283 -8.50 -2.53 -25.28
N MET A 284 -7.27 -2.00 -25.32
CA MET A 284 -7.06 -0.56 -25.15
C MET A 284 -7.74 0.28 -26.23
N GLU A 285 -7.53 -0.09 -27.50
CA GLU A 285 -8.19 0.58 -28.61
C GLU A 285 -9.71 0.59 -28.45
N PHE A 286 -10.27 -0.56 -28.13
CA PHE A 286 -11.70 -0.71 -27.92
C PHE A 286 -12.21 0.23 -26.81
N ASN A 287 -11.55 0.21 -25.66
CA ASN A 287 -11.94 1.05 -24.53
C ASN A 287 -11.82 2.55 -24.84
N ALA A 288 -10.71 2.96 -25.45
CA ALA A 288 -10.51 4.36 -25.87
C ALA A 288 -11.62 4.87 -26.79
N SER A 289 -12.14 3.98 -27.64
CA SER A 289 -13.15 4.36 -28.62
C SER A 289 -14.54 4.52 -27.99
N LYS A 290 -14.73 3.93 -26.81
CA LYS A 290 -16.04 3.94 -26.16
C LYS A 290 -16.09 4.84 -24.93
N SER A 291 -14.92 5.22 -24.40
CA SER A 291 -14.85 5.77 -23.04
C SER A 291 -13.87 6.94 -22.91
N ASP A 292 -14.41 8.11 -22.61
CA ASP A 292 -13.62 9.28 -22.23
C ASP A 292 -12.70 8.98 -21.04
N TYR A 293 -13.23 8.23 -20.08
CA TYR A 293 -12.48 7.86 -18.88
C TYR A 293 -11.24 7.06 -19.25
N ALA A 294 -11.44 6.04 -20.07
CA ALA A 294 -10.34 5.21 -20.51
C ALA A 294 -9.31 6.04 -21.25
N ARG A 295 -9.78 6.90 -22.15
CA ARG A 295 -8.90 7.74 -22.96
C ARG A 295 -8.02 8.62 -22.09
N ARG A 296 -8.63 9.23 -21.07
CA ARG A 296 -7.91 10.17 -20.22
C ARG A 296 -6.92 9.46 -19.29
N ARG A 297 -7.29 8.30 -18.78
CA ARG A 297 -6.42 7.53 -17.89
C ARG A 297 -5.22 6.97 -18.64
N TYR A 298 -5.41 6.61 -19.91
CA TYR A 298 -4.31 6.13 -20.74
C TYR A 298 -3.30 7.24 -21.01
N ALA A 299 -3.82 8.45 -21.22
CA ALA A 299 -2.99 9.63 -21.42
C ALA A 299 -2.14 9.93 -20.18
N GLU A 300 -2.74 9.79 -19.00
CA GLU A 300 -2.01 9.96 -17.75
C GLU A 300 -0.82 9.03 -17.69
N ILE A 301 -1.08 7.74 -17.94
CA ILE A 301 -0.01 6.74 -17.98
C ILE A 301 1.01 7.14 -19.03
N ALA A 302 0.54 7.54 -20.20
CA ALA A 302 1.42 7.92 -21.30
C ALA A 302 2.41 8.97 -20.83
N ARG A 303 1.90 9.99 -20.14
CA ARG A 303 2.70 11.14 -19.76
C ARG A 303 3.74 10.77 -18.72
N GLU A 304 3.37 9.88 -17.80
CA GLU A 304 4.32 9.34 -16.83
C GLU A 304 5.50 8.66 -17.51
N LEU A 305 5.28 8.14 -18.72
CA LEU A 305 6.34 7.49 -19.48
C LEU A 305 7.02 8.44 -20.46
N GLY A 306 6.56 9.69 -20.52
CA GLY A 306 7.14 10.70 -21.39
C GLY A 306 6.53 10.69 -22.79
N PHE A 307 5.22 10.53 -22.87
CA PHE A 307 4.47 10.74 -24.10
C PHE A 307 3.22 11.55 -23.82
N GLN A 308 2.28 11.60 -24.77
CA GLN A 308 1.18 12.57 -24.71
C GLN A 308 -0.17 11.88 -24.50
N THR A 309 -0.51 10.98 -25.40
CA THR A 309 -1.91 10.63 -25.64
C THR A 309 -2.14 9.14 -25.42
N ALA A 310 -3.41 8.76 -25.30
CA ALA A 310 -3.79 7.34 -25.22
C ALA A 310 -3.20 6.58 -26.40
N LYS A 311 -3.18 7.22 -27.57
CA LYS A 311 -2.69 6.58 -28.78
C LYS A 311 -1.19 6.33 -28.71
N ASP A 312 -0.46 7.24 -28.08
CA ASP A 312 0.97 7.03 -27.82
C ASP A 312 1.20 5.74 -27.05
N LEU A 313 0.36 5.47 -26.04
CA LEU A 313 0.56 4.34 -25.15
C LEU A 313 0.26 3.01 -25.83
N ILE A 314 -0.79 2.99 -26.65
CA ILE A 314 -1.10 1.82 -27.44
C ILE A 314 0.07 1.41 -28.33
N GLU A 315 0.77 2.40 -28.88
CA GLU A 315 1.87 2.15 -29.81
C GLU A 315 3.14 1.76 -29.05
N VAL A 316 3.38 2.42 -27.92
CA VAL A 316 4.37 1.95 -26.97
C VAL A 316 4.23 0.46 -26.68
N VAL A 317 3.00 0.02 -26.40
CA VAL A 317 2.76 -1.37 -26.03
C VAL A 317 2.98 -2.32 -27.22
N LYS A 318 2.48 -1.93 -28.39
CA LYS A 318 2.67 -2.71 -29.61
C LYS A 318 4.16 -2.89 -29.92
N GLU A 319 4.93 -1.84 -29.66
CA GLU A 319 6.33 -1.79 -30.07
C GLU A 319 7.21 -2.56 -29.08
N LEU A 320 6.75 -2.65 -27.83
CA LEU A 320 7.42 -3.46 -26.81
C LEU A 320 7.16 -4.94 -27.02
N ASN A 321 5.93 -5.29 -27.38
CA ASN A 321 5.59 -6.65 -27.77
C ASN A 321 6.48 -7.15 -28.91
N GLU A 322 6.76 -6.28 -29.86
CA GLU A 322 7.58 -6.62 -31.03
C GLU A 322 9.06 -6.73 -30.64
N MET A 323 9.53 -5.76 -29.87
CA MET A 323 10.88 -5.78 -29.32
C MET A 323 11.20 -7.05 -28.54
N LEU A 324 10.18 -7.68 -27.97
CA LEU A 324 10.39 -8.79 -27.04
C LEU A 324 9.97 -10.11 -27.68
N GLY A 325 9.60 -10.05 -28.96
CA GLY A 325 9.41 -11.25 -29.75
C GLY A 325 8.08 -11.92 -29.47
N VAL A 326 7.15 -11.17 -28.89
CA VAL A 326 5.82 -11.71 -28.63
C VAL A 326 5.18 -12.08 -29.96
N PRO A 327 4.83 -13.37 -30.13
CA PRO A 327 4.28 -13.84 -31.40
C PRO A 327 2.86 -13.34 -31.62
N LYS A 328 2.41 -13.40 -32.87
CA LYS A 328 1.03 -13.09 -33.21
C LYS A 328 0.11 -14.25 -32.82
N LEU A 329 -1.18 -13.96 -32.72
CA LEU A 329 -2.15 -14.96 -32.29
C LEU A 329 -2.29 -16.05 -33.34
N GLY A 330 -2.19 -15.65 -34.61
CA GLY A 330 -2.29 -16.58 -35.73
C GLY A 330 -1.18 -17.62 -35.78
N GLU A 331 -0.17 -17.45 -34.93
CA GLU A 331 0.95 -18.40 -34.89
C GLU A 331 0.75 -19.48 -33.83
N LEU A 332 -0.22 -19.29 -32.93
CA LEU A 332 -0.35 -20.14 -31.75
C LEU A 332 -1.48 -21.16 -31.92
N VAL A 333 -2.38 -20.88 -32.85
CA VAL A 333 -3.60 -21.66 -33.00
C VAL A 333 -4.14 -21.52 -34.41
N ASP A 334 -4.61 -22.63 -34.98
CA ASP A 334 -5.00 -22.68 -36.37
C ASP A 334 -6.37 -22.04 -36.58
N GLU A 335 -6.63 -21.59 -37.80
CA GLU A 335 -7.75 -20.69 -38.05
C GLU A 335 -9.09 -21.34 -37.70
N GLU A 336 -9.25 -22.61 -38.09
CA GLU A 336 -10.57 -23.24 -38.03
C GLU A 336 -10.94 -23.71 -36.63
N THR A 337 -9.95 -24.12 -35.84
CA THR A 337 -10.15 -24.35 -34.41
C THR A 337 -10.53 -23.05 -33.69
N PHE A 338 -9.84 -21.97 -34.03
CA PHE A 338 -10.16 -20.68 -33.45
C PHE A 338 -11.58 -20.25 -33.82
N ALA A 339 -11.92 -20.36 -35.10
CA ALA A 339 -13.21 -19.91 -35.59
C ALA A 339 -14.35 -20.75 -35.03
N SER A 340 -14.05 -22.00 -34.66
CA SER A 340 -15.08 -22.91 -34.15
C SER A 340 -15.35 -22.71 -32.66
N LYS A 341 -14.55 -21.87 -32.02
CA LYS A 341 -14.61 -21.74 -30.56
C LYS A 341 -14.84 -20.31 -30.10
N VAL A 342 -14.80 -19.36 -31.03
CA VAL A 342 -14.70 -17.95 -30.67
C VAL A 342 -16.05 -17.39 -30.23
N GLU A 343 -17.13 -18.01 -30.70
CA GLU A 343 -18.47 -17.71 -30.21
C GLU A 343 -18.62 -18.12 -28.74
N GLU A 344 -18.12 -19.30 -28.42
CA GLU A 344 -18.21 -19.84 -27.06
C GLU A 344 -17.33 -19.04 -26.10
N MET A 345 -16.13 -18.69 -26.54
CA MET A 345 -15.20 -17.90 -25.73
C MET A 345 -15.81 -16.54 -25.41
N ALA A 346 -16.39 -15.90 -26.42
CA ALA A 346 -16.96 -14.56 -26.27
C ALA A 346 -18.12 -14.58 -25.28
N GLU A 347 -18.92 -15.63 -25.33
CA GLU A 347 -20.10 -15.76 -24.48
C GLU A 347 -19.70 -15.96 -23.03
N LYS A 348 -18.67 -16.76 -22.80
CA LYS A 348 -18.21 -17.06 -21.43
C LYS A 348 -17.44 -15.89 -20.84
N THR A 349 -16.67 -15.20 -21.68
CA THR A 349 -16.04 -13.94 -21.28
C THR A 349 -17.08 -12.96 -20.75
N TYR A 350 -18.22 -12.89 -21.43
CA TYR A 350 -19.28 -11.95 -21.08
C TYR A 350 -19.89 -12.26 -19.71
N HIS A 351 -19.85 -13.53 -19.32
CA HIS A 351 -20.39 -13.94 -18.01
C HIS A 351 -19.30 -13.94 -16.94
N ASP A 352 -18.10 -13.50 -17.31
CA ASP A 352 -16.99 -13.42 -16.37
C ASP A 352 -17.16 -12.17 -15.50
N GLY A 353 -16.88 -12.32 -14.21
CA GLY A 353 -17.14 -11.28 -13.23
C GLY A 353 -16.33 -10.02 -13.47
N LEU A 354 -15.20 -10.17 -14.14
CA LEU A 354 -14.23 -9.07 -14.26
C LEU A 354 -14.71 -7.96 -15.19
N ILE A 355 -15.61 -8.27 -16.11
CA ILE A 355 -15.98 -7.30 -17.14
C ILE A 355 -16.96 -6.25 -16.61
N ALA A 356 -17.45 -6.46 -15.40
CA ALA A 356 -18.22 -5.43 -14.70
C ALA A 356 -17.32 -4.26 -14.26
N PHE A 357 -16.04 -4.55 -14.06
CA PHE A 357 -15.09 -3.53 -13.59
C PHE A 357 -14.42 -2.81 -14.76
N ASN A 358 -14.49 -3.41 -15.95
CA ASN A 358 -14.05 -2.73 -17.16
C ASN A 358 -14.78 -1.40 -17.33
N PRO A 359 -14.08 -0.38 -17.84
CA PRO A 359 -14.67 0.94 -18.02
C PRO A 359 -15.95 0.89 -18.84
N VAL A 360 -15.97 0.00 -19.83
CA VAL A 360 -17.14 -0.21 -20.68
C VAL A 360 -17.51 -1.69 -20.60
N GLU A 361 -18.81 -1.97 -20.57
CA GLU A 361 -19.30 -3.33 -20.77
C GLU A 361 -19.48 -3.63 -22.25
N PRO A 362 -18.79 -4.66 -22.76
CA PRO A 362 -18.93 -5.03 -24.16
C PRO A 362 -19.97 -6.14 -24.38
N LYS A 363 -20.60 -6.12 -25.55
CA LYS A 363 -21.56 -7.17 -25.92
C LYS A 363 -20.81 -8.43 -26.35
N PRO A 364 -21.48 -9.59 -26.24
CA PRO A 364 -20.92 -10.83 -26.77
C PRO A 364 -20.43 -10.69 -28.21
N GLU A 365 -21.17 -9.95 -29.03
CA GLU A 365 -20.78 -9.72 -30.42
C GLU A 365 -19.46 -8.95 -30.49
N GLU A 366 -19.29 -8.00 -29.57
CA GLU A 366 -18.13 -7.11 -29.60
C GLU A 366 -16.88 -7.83 -29.10
N ILE A 367 -17.07 -8.71 -28.12
CA ILE A 367 -15.99 -9.54 -27.62
C ILE A 367 -15.49 -10.48 -28.71
N LYS A 368 -16.43 -11.11 -29.40
CA LYS A 368 -16.11 -11.97 -30.53
C LYS A 368 -15.27 -11.20 -31.56
N GLU A 369 -15.70 -9.98 -31.85
CA GLU A 369 -15.02 -9.14 -32.83
C GLU A 369 -13.59 -8.82 -32.42
N LEU A 370 -13.36 -8.69 -31.11
CA LEU A 370 -12.06 -8.34 -30.58
C LEU A 370 -11.09 -9.52 -30.66
N TYR A 371 -11.59 -10.70 -30.32
CA TYR A 371 -10.86 -11.94 -30.55
C TYR A 371 -10.40 -12.07 -32.00
N LEU A 372 -11.27 -11.71 -32.94
CA LEU A 372 -10.97 -11.85 -34.37
C LEU A 372 -9.95 -10.82 -34.83
N LYS A 373 -10.14 -9.57 -34.41
CA LYS A 373 -9.14 -8.53 -34.63
C LYS A 373 -7.76 -9.02 -34.21
N ALA A 374 -7.69 -9.58 -33.01
CA ALA A 374 -6.44 -10.11 -32.48
C ALA A 374 -5.88 -11.18 -33.41
N TYR A 375 -6.74 -12.05 -33.92
CA TYR A 375 -6.30 -13.18 -34.74
C TYR A 375 -5.71 -12.71 -36.07
N ARG A 376 -6.35 -11.71 -36.68
CA ARG A 376 -5.94 -11.20 -37.97
C ARG A 376 -4.60 -10.47 -37.88
N GLY A 377 -4.14 -10.21 -36.66
CA GLY A 377 -2.85 -9.56 -36.44
C GLY A 377 -2.89 -8.11 -36.88
N GLU A 378 -4.06 -7.50 -36.75
CA GLU A 378 -4.29 -6.14 -37.27
C GLU A 378 -3.34 -5.12 -36.63
N MET B 1 10.50 -4.52 4.20
CA MET B 1 9.36 -4.73 5.11
C MET B 1 8.29 -3.69 4.78
N PHE B 2 7.09 -4.18 4.49
CA PHE B 2 5.97 -3.31 4.18
C PHE B 2 4.69 -3.97 4.66
N TRP B 3 4.01 -3.31 5.58
CA TRP B 3 2.69 -3.77 6.03
C TRP B 3 1.75 -2.58 6.20
N LEU B 4 0.46 -2.88 6.23
CA LEU B 4 -0.56 -1.89 6.54
C LEU B 4 -1.66 -2.61 7.28
N LYS B 5 -1.73 -2.37 8.59
CA LYS B 5 -2.78 -2.98 9.41
C LYS B 5 -4.13 -2.33 9.09
N THR B 6 -4.11 -1.02 8.87
CA THR B 6 -5.33 -0.22 8.77
C THR B 6 -6.03 -0.48 7.46
N ARG B 7 -7.35 -0.53 7.49
CA ARG B 7 -8.15 -0.62 6.28
C ARG B 7 -8.79 0.72 5.97
N ILE B 8 -8.65 1.16 4.72
CA ILE B 8 -8.92 2.54 4.37
C ILE B 8 -10.20 2.66 3.54
N ILE B 9 -11.18 3.39 4.07
CA ILE B 9 -12.38 3.70 3.31
C ILE B 9 -12.37 5.17 2.88
N GLU B 10 -12.19 5.40 1.59
CA GLU B 10 -12.18 6.76 1.07
C GLU B 10 -13.44 7.02 0.27
N GLY B 11 -13.73 8.29 -0.01
CA GLY B 11 -14.86 8.66 -0.85
C GLY B 11 -15.67 9.81 -0.30
N GLU B 12 -16.28 10.57 -1.21
CA GLU B 12 -17.26 11.58 -0.83
C GLU B 12 -18.44 10.97 -0.08
N GLY B 13 -18.69 11.47 1.13
CA GLY B 13 -19.75 10.97 2.00
C GLY B 13 -19.46 9.61 2.61
N SER B 14 -18.19 9.24 2.70
CA SER B 14 -17.83 7.91 3.18
C SER B 14 -18.03 7.79 4.69
N LEU B 15 -18.36 8.90 5.35
CA LEU B 15 -18.66 8.85 6.77
C LEU B 15 -19.86 7.95 7.04
N SER B 16 -20.73 7.82 6.03
CA SER B 16 -21.95 7.02 6.16
C SER B 16 -21.67 5.54 6.38
N ARG B 17 -20.45 5.11 6.06
CA ARG B 17 -20.11 3.70 6.14
C ARG B 17 -19.76 3.30 7.57
N LEU B 18 -19.70 4.28 8.44
CA LEU B 18 -19.68 4.03 9.88
C LEU B 18 -20.87 3.17 10.32
N SER B 19 -21.95 3.21 9.56
CA SER B 19 -23.10 2.32 9.79
C SER B 19 -22.69 0.85 9.72
N ARG B 20 -22.03 0.47 8.63
CA ARG B 20 -21.62 -0.93 8.43
C ARG B 20 -20.61 -1.35 9.50
N GLU B 21 -19.70 -0.45 9.85
CA GLU B 21 -18.53 -0.82 10.61
C GLU B 21 -18.82 -0.97 12.10
N VAL B 22 -19.98 -0.49 12.54
CA VAL B 22 -20.33 -0.59 13.97
C VAL B 22 -21.26 -1.75 14.26
N LYS B 23 -21.96 -2.24 13.25
CA LYS B 23 -22.74 -3.47 13.37
C LYS B 23 -21.98 -4.47 14.23
N GLY B 24 -22.69 -5.07 15.19
CA GLY B 24 -22.09 -6.07 16.06
C GLY B 24 -21.71 -5.49 17.41
N HIS B 25 -21.73 -4.16 17.51
CA HIS B 25 -21.14 -3.47 18.66
C HIS B 25 -22.23 -2.82 19.50
N GLU B 26 -21.94 -2.63 20.78
CA GLU B 26 -22.97 -2.27 21.75
C GLU B 26 -22.84 -0.82 22.18
N ARG B 27 -21.62 -0.42 22.56
CA ARG B 27 -21.40 0.87 23.21
C ARG B 27 -20.22 1.60 22.57
N VAL B 28 -20.52 2.52 21.65
CA VAL B 28 -19.50 3.19 20.86
C VAL B 28 -19.18 4.56 21.47
N LEU B 29 -17.91 4.84 21.64
CA LEU B 29 -17.47 6.12 22.16
C LEU B 29 -16.77 6.94 21.07
N ILE B 30 -17.22 8.17 20.86
CA ILE B 30 -16.60 9.09 19.92
C ILE B 30 -15.84 10.18 20.66
N LEU B 31 -14.55 10.29 20.36
CA LEU B 31 -13.77 11.48 20.72
C LEU B 31 -13.63 12.38 19.51
N ALA B 32 -13.90 13.66 19.70
CA ALA B 32 -14.10 14.58 18.59
C ALA B 32 -13.52 15.96 18.92
N SER B 33 -12.97 16.61 17.91
CA SER B 33 -12.55 18.00 18.04
C SER B 33 -13.78 18.92 18.09
N GLY B 34 -13.58 20.10 18.68
CA GLY B 34 -14.62 21.12 18.73
C GLY B 34 -15.28 21.38 17.39
N SER B 35 -14.48 21.54 16.34
CA SER B 35 -14.99 21.95 15.04
C SER B 35 -15.93 20.91 14.44
N MET B 36 -15.73 19.64 14.81
CA MET B 36 -16.56 18.57 14.28
C MET B 36 -17.95 18.58 14.93
N LYS B 37 -18.04 19.10 16.15
CA LYS B 37 -19.34 19.44 16.73
C LYS B 37 -19.98 20.63 16.02
N ARG B 38 -19.22 21.72 15.94
CA ARG B 38 -19.74 22.99 15.42
C ARG B 38 -20.33 22.83 14.02
N HIS B 39 -19.65 22.10 13.16
CA HIS B 39 -20.07 22.00 11.76
C HIS B 39 -21.00 20.82 11.53
N GLY B 40 -21.33 20.10 12.60
CA GLY B 40 -22.47 19.18 12.60
C GLY B 40 -22.11 17.76 12.19
N PHE B 41 -20.82 17.48 12.04
CA PHE B 41 -20.38 16.18 11.59
C PHE B 41 -20.49 15.15 12.73
N LEU B 42 -20.35 15.63 13.96
CA LEU B 42 -20.51 14.78 15.13
C LEU B 42 -21.95 14.26 15.24
N SER B 43 -22.92 15.13 14.95
CA SER B 43 -24.33 14.73 14.88
C SER B 43 -24.56 13.65 13.84
N GLU B 44 -24.09 13.90 12.62
CA GLU B 44 -24.22 12.94 11.54
C GLU B 44 -23.73 11.58 11.99
N ALA B 45 -22.56 11.56 12.63
CA ALA B 45 -21.88 10.32 12.97
C ALA B 45 -22.63 9.62 14.10
N GLU B 46 -23.12 10.40 15.05
CA GLU B 46 -23.96 9.87 16.11
C GLU B 46 -25.19 9.16 15.55
N ASP B 47 -25.80 9.74 14.51
CA ASP B 47 -26.94 9.12 13.85
C ASP B 47 -26.58 7.71 13.38
N TYR B 48 -25.44 7.58 12.70
CA TYR B 48 -25.07 6.33 12.05
C TYR B 48 -24.89 5.20 13.06
N VAL B 49 -24.40 5.53 14.24
CA VAL B 49 -24.16 4.54 15.28
C VAL B 49 -25.47 4.07 15.92
N LYS B 50 -26.42 5.00 16.04
CA LYS B 50 -27.80 4.65 16.36
C LYS B 50 -28.44 3.82 15.24
N GLU B 51 -28.40 4.34 14.03
CA GLU B 51 -28.82 3.57 12.85
C GLU B 51 -28.49 2.08 13.00
N ALA B 52 -27.32 1.79 13.55
CA ALA B 52 -26.82 0.42 13.59
C ALA B 52 -27.20 -0.27 14.90
N GLY B 53 -27.90 0.47 15.76
CA GLY B 53 -28.53 -0.11 16.94
C GLY B 53 -27.61 -0.20 18.13
N ALA B 54 -26.72 0.78 18.26
CA ALA B 54 -25.75 0.78 19.35
C ALA B 54 -25.88 2.04 20.20
N GLU B 55 -25.38 1.96 21.43
CA GLU B 55 -25.28 3.13 22.29
C GLU B 55 -24.11 3.99 21.82
N VAL B 56 -24.28 5.30 21.86
CA VAL B 56 -23.21 6.22 21.51
C VAL B 56 -22.99 7.25 22.63
N PHE B 57 -21.73 7.59 22.87
CA PHE B 57 -21.39 8.61 23.85
C PHE B 57 -20.22 9.44 23.34
N SER B 58 -20.39 10.76 23.36
CA SER B 58 -19.46 11.66 22.67
C SER B 58 -18.75 12.55 23.69
N ILE B 59 -17.44 12.68 23.52
CA ILE B 59 -16.71 13.80 24.09
C ILE B 59 -16.15 14.68 22.97
N ALA B 60 -16.59 15.93 22.93
CA ALA B 60 -16.09 16.89 21.97
C ALA B 60 -15.22 17.94 22.65
N GLY B 61 -14.43 18.65 21.87
CA GLY B 61 -13.70 19.81 22.36
C GLY B 61 -12.43 19.44 23.09
N LEU B 62 -11.84 18.32 22.69
CA LEU B 62 -10.50 17.96 23.14
C LEU B 62 -9.46 18.99 22.71
N PRO B 63 -8.53 19.31 23.61
CA PRO B 63 -7.50 20.31 23.38
C PRO B 63 -6.36 19.79 22.50
N ALA B 64 -5.66 20.71 21.83
CA ALA B 64 -4.43 20.37 21.12
C ALA B 64 -3.35 19.93 22.10
N GLU B 65 -2.29 19.32 21.56
CA GLU B 65 -1.19 18.77 22.35
C GLU B 65 -1.69 17.74 23.38
N PRO B 66 -1.77 16.47 22.95
CA PRO B 66 -2.15 15.38 23.84
C PRO B 66 -1.25 15.27 25.06
N SER B 67 -1.85 15.06 26.22
CA SER B 67 -1.09 14.88 27.45
C SER B 67 -1.79 13.89 28.37
N VAL B 68 -1.01 13.18 29.17
CA VAL B 68 -1.55 12.28 30.18
C VAL B 68 -2.51 13.02 31.11
N GLU B 69 -2.13 14.24 31.47
CA GLU B 69 -2.90 15.04 32.41
C GLU B 69 -4.31 15.25 31.87
N VAL B 70 -4.40 15.50 30.57
CA VAL B 70 -5.69 15.68 29.92
C VAL B 70 -6.45 14.37 29.87
N ILE B 71 -5.75 13.30 29.51
CA ILE B 71 -6.39 12.01 29.36
C ILE B 71 -6.93 11.50 30.69
N GLU B 72 -6.32 11.94 31.79
CA GLU B 72 -6.67 11.43 33.11
C GLU B 72 -8.00 12.00 33.63
N GLU B 73 -8.37 13.18 33.12
CA GLU B 73 -9.69 13.74 33.40
C GLU B 73 -10.83 12.86 32.86
N PHE B 74 -10.71 12.42 31.61
CA PHE B 74 -11.77 11.65 30.95
C PHE B 74 -11.82 10.22 31.47
N LEU B 75 -10.65 9.67 31.76
CA LEU B 75 -10.48 8.22 31.77
C LEU B 75 -11.52 7.55 32.67
N PRO B 76 -11.85 8.20 33.80
CA PRO B 76 -12.88 7.68 34.70
C PRO B 76 -14.25 7.59 34.05
N LYS B 77 -14.63 8.64 33.32
CA LYS B 77 -15.87 8.64 32.56
C LYS B 77 -15.88 7.50 31.55
N VAL B 78 -14.78 7.34 30.82
CA VAL B 78 -14.68 6.33 29.78
C VAL B 78 -14.85 4.93 30.38
N ARG B 79 -14.25 4.72 31.54
CA ARG B 79 -14.36 3.45 32.24
C ARG B 79 -15.80 3.18 32.65
N GLU B 80 -16.51 4.22 33.07
CA GLU B 80 -17.91 4.12 33.45
C GLU B 80 -18.76 3.63 32.27
N PHE B 81 -18.56 4.21 31.10
CA PHE B 81 -19.38 3.92 29.92
C PHE B 81 -18.96 2.59 29.28
N GLY B 82 -17.69 2.25 29.41
CA GLY B 82 -17.19 0.94 28.98
C GLY B 82 -17.49 0.61 27.53
N PRO B 83 -16.82 1.29 26.59
CA PRO B 83 -17.08 1.11 25.16
C PRO B 83 -16.40 -0.13 24.62
N ASP B 84 -16.98 -0.72 23.58
CA ASP B 84 -16.34 -1.81 22.84
C ASP B 84 -15.97 -1.39 21.41
N LEU B 85 -15.92 -0.07 21.19
CA LEU B 85 -15.42 0.48 19.93
C LEU B 85 -15.08 1.95 20.15
N LEU B 86 -13.87 2.35 19.74
CA LEU B 86 -13.45 3.75 19.81
C LEU B 86 -13.50 4.40 18.44
N VAL B 87 -13.92 5.66 18.40
CA VAL B 87 -13.94 6.42 17.16
C VAL B 87 -13.31 7.79 17.39
N ALA B 88 -12.25 8.10 16.65
CA ALA B 88 -11.62 9.42 16.73
C ALA B 88 -11.94 10.23 15.47
N MET B 89 -12.50 11.42 15.69
CA MET B 89 -12.94 12.26 14.59
C MET B 89 -12.40 13.67 14.83
N GLY B 90 -11.38 14.04 14.08
CA GLY B 90 -10.63 15.24 14.38
C GLY B 90 -9.30 15.24 13.68
N GLY B 91 -8.39 16.07 14.17
CA GLY B 91 -7.04 16.12 13.63
C GLY B 91 -6.13 15.12 14.31
N GLY B 92 -4.82 15.32 14.14
CA GLY B 92 -3.83 14.38 14.62
C GLY B 92 -3.95 14.16 16.11
N SER B 93 -4.15 15.25 16.84
CA SER B 93 -4.10 15.22 18.29
C SER B 93 -5.31 14.51 18.90
N VAL B 94 -6.46 14.62 18.23
CA VAL B 94 -7.63 13.83 18.61
C VAL B 94 -7.38 12.34 18.39
N ILE B 95 -6.75 12.01 17.27
CA ILE B 95 -6.50 10.63 16.91
C ILE B 95 -5.40 10.01 17.78
N ASP B 96 -4.35 10.80 18.04
CA ASP B 96 -3.26 10.37 18.91
C ASP B 96 -3.70 10.24 20.37
N THR B 97 -4.55 11.15 20.83
CA THR B 97 -5.16 11.03 22.16
C THR B 97 -5.95 9.72 22.26
N THR B 98 -6.69 9.40 21.22
CA THR B 98 -7.57 8.24 21.25
C THR B 98 -6.75 6.95 21.24
N LYS B 99 -5.59 6.98 20.60
CA LYS B 99 -4.69 5.84 20.59
C LYS B 99 -4.16 5.58 22.00
N ALA B 100 -3.65 6.64 22.64
CA ALA B 100 -3.13 6.52 24.00
C ALA B 100 -4.23 6.06 24.96
N LEU B 101 -5.46 6.51 24.70
CA LEU B 101 -6.61 6.13 25.50
C LEU B 101 -6.86 4.62 25.42
N LYS B 102 -6.74 4.05 24.23
CA LYS B 102 -6.95 2.62 24.06
C LYS B 102 -6.00 1.83 24.97
N VAL B 103 -4.74 2.25 25.02
CA VAL B 103 -3.74 1.57 25.82
C VAL B 103 -4.18 1.53 27.28
N PHE B 104 -4.52 2.70 27.82
CA PHE B 104 -4.90 2.80 29.24
C PHE B 104 -6.19 2.05 29.53
N TYR B 105 -7.09 2.02 28.56
CA TYR B 105 -8.41 1.42 28.74
C TYR B 105 -8.34 -0.09 28.67
N ASP B 106 -7.55 -0.60 27.73
CA ASP B 106 -7.46 -2.04 27.49
C ASP B 106 -6.45 -2.70 28.42
N ALA B 107 -5.47 -1.93 28.87
CA ALA B 107 -4.41 -2.44 29.74
C ALA B 107 -4.16 -1.51 30.93
N PRO B 108 -5.08 -1.53 31.91
CA PRO B 108 -5.04 -0.61 33.06
C PRO B 108 -3.83 -0.84 33.98
N GLU B 109 -3.25 -2.03 33.91
CA GLU B 109 -2.16 -2.40 34.82
C GLU B 109 -0.83 -1.81 34.37
N LEU B 110 -0.70 -1.53 33.08
CA LEU B 110 0.57 -1.09 32.51
C LEU B 110 1.03 0.21 33.18
N ASN B 111 2.35 0.32 33.39
CA ASN B 111 2.95 1.60 33.78
C ASN B 111 3.35 2.40 32.56
N PHE B 112 2.93 3.67 32.54
CA PHE B 112 3.24 4.56 31.44
C PHE B 112 4.75 4.66 31.21
N GLY B 113 5.52 4.67 32.30
CA GLY B 113 6.97 4.83 32.21
C GLY B 113 7.66 3.62 31.62
N GLU B 114 7.07 2.44 31.85
CA GLU B 114 7.62 1.20 31.31
C GLU B 114 7.62 1.19 29.78
N ILE B 115 6.62 1.84 29.18
CA ILE B 115 6.20 1.53 27.83
C ILE B 115 6.30 2.72 26.88
N ALA B 116 7.07 3.74 27.29
CA ALA B 116 7.26 4.92 26.46
C ALA B 116 8.74 5.20 26.21
N PHE B 117 9.14 5.20 24.94
CA PHE B 117 10.37 5.84 24.50
C PHE B 117 10.41 7.27 25.03
N ILE B 118 11.60 7.75 25.40
CA ILE B 118 11.87 9.19 25.42
C ILE B 118 12.99 9.55 24.46
N ASP B 119 14.05 8.75 24.45
CA ASP B 119 15.19 8.97 23.56
C ASP B 119 15.67 7.67 22.93
N ARG B 120 16.78 7.73 22.21
CA ARG B 120 17.25 6.60 21.41
C ARG B 120 17.76 5.47 22.30
N PHE B 121 18.25 5.83 23.48
CA PHE B 121 18.80 4.85 24.43
C PHE B 121 17.73 4.35 25.40
N SER B 122 16.48 4.72 25.14
CA SER B 122 15.34 4.11 25.82
C SER B 122 14.95 2.79 25.15
N LYS B 123 15.08 1.71 25.90
CA LYS B 123 14.34 0.48 25.62
C LYS B 123 13.11 0.41 26.53
N PRO B 124 11.92 0.26 25.94
CA PRO B 124 10.75 -0.01 26.76
C PRO B 124 10.28 -1.45 26.67
N LYS B 125 9.55 -1.90 27.69
CA LYS B 125 8.73 -3.10 27.56
C LYS B 125 7.79 -2.98 26.37
N PRO B 126 7.64 -4.06 25.60
CA PRO B 126 6.63 -4.11 24.54
C PRO B 126 5.21 -4.10 25.10
N VAL B 127 4.26 -3.69 24.27
CA VAL B 127 2.86 -3.59 24.70
C VAL B 127 2.12 -4.87 24.31
N PRO B 128 1.39 -5.46 25.26
CA PRO B 128 0.67 -6.71 25.00
C PRO B 128 -0.56 -6.51 24.11
N ARG B 129 -1.11 -7.61 23.61
CA ARG B 129 -2.28 -7.54 22.73
C ARG B 129 -3.41 -6.79 23.42
N LEU B 130 -4.00 -5.84 22.70
CA LEU B 130 -5.19 -5.13 23.17
C LEU B 130 -6.39 -5.64 22.36
N LYS B 131 -7.57 -5.06 22.60
CA LYS B 131 -8.80 -5.70 22.15
C LYS B 131 -9.81 -4.75 21.48
N THR B 132 -9.84 -3.50 21.94
CA THR B 132 -10.92 -2.60 21.53
C THR B 132 -10.63 -1.99 20.17
N LEU B 133 -11.57 -2.15 19.26
CA LEU B 133 -11.42 -1.70 17.89
C LEU B 133 -11.31 -0.18 17.84
N LEU B 134 -10.60 0.33 16.85
CA LEU B 134 -10.36 1.77 16.74
C LEU B 134 -10.61 2.21 15.30
N ILE B 135 -11.53 3.15 15.14
CA ILE B 135 -11.79 3.76 13.86
C ILE B 135 -11.35 5.22 13.89
N ALA B 136 -10.64 5.63 12.84
CA ALA B 136 -10.03 6.96 12.80
C ALA B 136 -10.54 7.76 11.61
N ILE B 137 -11.07 8.96 11.88
CA ILE B 137 -11.63 9.79 10.85
C ILE B 137 -10.98 11.16 10.87
N PRO B 138 -9.92 11.34 10.07
CA PRO B 138 -9.14 12.58 10.07
C PRO B 138 -9.87 13.77 9.42
N SER B 139 -9.70 14.95 10.01
CA SER B 139 -10.42 16.13 9.59
C SER B 139 -9.46 17.22 9.10
N THR B 140 -8.16 16.94 9.27
CA THR B 140 -7.11 17.73 8.62
C THR B 140 -6.42 16.91 7.54
N SER B 141 -5.48 17.54 6.84
CA SER B 141 -4.82 16.90 5.70
C SER B 141 -3.38 17.36 5.61
N GLY B 142 -2.54 16.91 6.54
CA GLY B 142 -2.92 15.92 7.53
C GLY B 142 -1.69 15.30 8.18
N ALA B 143 -1.91 14.63 9.31
CA ALA B 143 -0.82 14.23 10.21
C ALA B 143 -0.31 12.82 9.88
N GLY B 144 -1.12 12.04 9.17
CA GLY B 144 -0.79 10.65 8.87
C GLY B 144 -1.17 9.69 9.98
N SER B 145 -1.67 10.22 11.09
CA SER B 145 -1.78 9.48 12.34
C SER B 145 -2.87 8.39 12.28
N GLU B 146 -3.68 8.43 11.23
CA GLU B 146 -4.81 7.50 11.09
C GLU B 146 -4.38 6.15 10.52
N VAL B 147 -3.13 6.01 10.10
CA VAL B 147 -2.59 4.71 9.71
C VAL B 147 -1.39 4.26 10.53
N SER B 148 -0.89 5.12 11.41
CA SER B 148 0.35 4.84 12.13
C SER B 148 0.06 4.21 13.49
N GLY B 149 0.98 3.36 13.93
CA GLY B 149 0.92 2.79 15.27
C GLY B 149 1.77 3.55 16.27
N ALA B 150 1.96 4.84 16.02
CA ALA B 150 2.72 5.69 16.95
C ALA B 150 1.81 6.77 17.53
N SER B 151 2.17 7.28 18.70
CA SER B 151 1.41 8.34 19.34
C SER B 151 2.31 9.13 20.26
N VAL B 152 2.16 10.45 20.24
CA VAL B 152 3.07 11.33 20.97
C VAL B 152 2.34 12.06 22.09
N LEU B 153 2.72 11.75 23.33
CA LEU B 153 2.06 12.31 24.51
C LEU B 153 3.03 13.20 25.27
N LYS B 154 2.48 14.16 26.02
CA LYS B 154 3.22 14.82 27.09
C LYS B 154 2.80 14.29 28.46
N LYS B 155 3.79 13.98 29.28
CA LYS B 155 3.61 13.99 30.74
C LYS B 155 4.59 14.94 31.41
N GLY B 156 4.09 15.76 32.32
CA GLY B 156 4.89 16.80 32.96
C GLY B 156 5.63 17.68 31.97
N GLY B 157 5.07 17.84 30.78
CA GLY B 157 5.64 18.75 29.79
C GLY B 157 6.73 18.11 28.97
N VAL B 158 7.08 16.87 29.32
CA VAL B 158 8.10 16.12 28.59
C VAL B 158 7.43 15.32 27.48
N LYS B 159 8.09 15.23 26.34
CA LYS B 159 7.52 14.54 25.18
C LYS B 159 7.86 13.05 25.22
N TYR B 160 6.82 12.21 25.11
CA TYR B 160 7.00 10.75 25.11
C TYR B 160 6.48 10.16 23.79
N ASN B 161 7.06 9.04 23.37
CA ASN B 161 6.52 8.28 22.26
C ASN B 161 5.98 6.92 22.69
N ILE B 162 4.80 6.56 22.19
CA ILE B 162 4.32 5.19 22.28
C ILE B 162 4.20 4.57 20.90
N VAL B 163 4.88 3.44 20.70
CA VAL B 163 4.98 2.82 19.37
C VAL B 163 4.63 1.35 19.44
N THR B 164 3.47 1.00 18.90
CA THR B 164 3.06 -0.39 18.77
C THR B 164 1.97 -0.53 17.70
N PRO B 165 2.02 -1.63 16.92
CA PRO B 165 0.96 -2.00 16.00
C PRO B 165 -0.43 -2.06 16.66
N GLU B 166 -0.46 -2.33 17.96
CA GLU B 166 -1.72 -2.51 18.67
C GLU B 166 -2.60 -1.27 18.62
N ILE B 167 -1.99 -0.10 18.47
CA ILE B 167 -2.73 1.16 18.50
C ILE B 167 -2.93 1.79 17.11
N ALA B 168 -2.29 1.23 16.10
CA ALA B 168 -2.64 1.59 14.73
C ALA B 168 -4.11 1.27 14.46
N PRO B 169 -4.84 2.21 13.87
CA PRO B 169 -6.28 2.04 13.79
C PRO B 169 -6.67 0.85 12.90
N ASP B 170 -7.81 0.26 13.19
CA ASP B 170 -8.29 -0.88 12.42
C ASP B 170 -8.93 -0.41 11.13
N VAL B 171 -9.50 0.80 11.18
CA VAL B 171 -10.15 1.40 10.02
C VAL B 171 -9.89 2.90 10.02
N ALA B 172 -9.61 3.44 8.84
CA ALA B 172 -9.61 4.89 8.66
C ALA B 172 -10.63 5.25 7.60
N ILE B 173 -11.41 6.30 7.88
CA ILE B 173 -12.40 6.80 6.94
C ILE B 173 -11.98 8.19 6.45
N LEU B 174 -11.82 8.30 5.14
CA LEU B 174 -11.35 9.55 4.52
C LEU B 174 -12.46 10.20 3.72
N ASP B 175 -13.14 11.16 4.35
CA ASP B 175 -14.29 11.84 3.76
C ASP B 175 -13.94 13.31 3.56
N PRO B 176 -13.81 13.74 2.30
CA PRO B 176 -13.25 15.05 1.98
C PRO B 176 -14.10 16.22 2.49
N ARG B 177 -15.36 15.97 2.81
CA ARG B 177 -16.23 17.00 3.36
C ARG B 177 -15.63 17.62 4.62
N LEU B 178 -15.00 16.78 5.43
CA LEU B 178 -14.56 17.21 6.75
C LEU B 178 -13.44 18.25 6.68
N PRO B 179 -12.45 18.05 5.79
CA PRO B 179 -11.35 19.00 5.73
C PRO B 179 -11.64 20.21 4.84
N ARG B 180 -12.76 20.17 4.11
CA ARG B 180 -13.26 21.36 3.42
C ARG B 180 -13.61 22.47 4.41
N THR B 181 -13.80 22.10 5.68
CA THR B 181 -14.08 23.08 6.71
C THR B 181 -12.82 23.65 7.35
N MET B 182 -11.65 23.14 6.96
CA MET B 182 -10.39 23.73 7.41
C MET B 182 -10.32 25.20 6.97
N PRO B 183 -9.95 26.09 7.90
CA PRO B 183 -9.52 27.42 7.50
C PRO B 183 -8.18 27.40 6.81
N PRO B 184 -7.91 28.39 5.94
CA PRO B 184 -6.81 28.32 4.98
C PRO B 184 -5.43 28.13 5.64
N GLU B 185 -5.24 28.71 6.82
CA GLU B 185 -3.99 28.55 7.55
C GLU B 185 -3.74 27.10 7.94
N VAL B 186 -4.79 26.41 8.35
CA VAL B 186 -4.67 25.02 8.80
C VAL B 186 -4.54 24.08 7.60
N ALA B 187 -5.25 24.40 6.53
CA ALA B 187 -5.02 23.77 5.24
C ALA B 187 -3.55 23.85 4.81
N ARG B 188 -2.94 25.02 4.95
CA ARG B 188 -1.58 25.23 4.49
C ARG B 188 -0.60 24.45 5.34
N ASN B 189 -0.74 24.56 6.66
CA ASN B 189 0.26 24.06 7.58
C ASN B 189 0.29 22.54 7.60
N SER B 190 -0.89 21.93 7.58
CA SER B 190 -0.99 20.48 7.55
C SER B 190 -0.63 19.94 6.17
N GLY B 191 -0.88 20.75 5.14
CA GLY B 191 -0.54 20.37 3.76
C GLY B 191 0.96 20.29 3.53
N LEU B 192 1.71 21.14 4.22
CA LEU B 192 3.16 21.13 4.14
C LEU B 192 3.75 20.00 4.98
N ASP B 193 3.06 19.67 6.08
CA ASP B 193 3.37 18.48 6.85
C ASP B 193 3.46 17.26 5.93
N VAL B 194 2.50 17.14 5.01
CA VAL B 194 2.45 16.01 4.10
C VAL B 194 3.70 15.95 3.22
N LEU B 195 4.03 17.10 2.61
CA LEU B 195 5.17 17.22 1.72
C LEU B 195 6.46 16.86 2.42
N VAL B 196 6.60 17.32 3.66
CA VAL B 196 7.80 17.07 4.42
C VAL B 196 7.91 15.60 4.84
N HIS B 197 6.81 15.04 5.33
CA HIS B 197 6.73 13.60 5.55
C HIS B 197 7.14 12.86 4.28
N GLY B 198 6.52 13.20 3.16
CA GLY B 198 6.80 12.56 1.90
C GLY B 198 8.29 12.48 1.64
N ILE B 199 8.97 13.61 1.80
CA ILE B 199 10.33 13.77 1.31
C ILE B 199 11.30 13.04 2.23
N GLU B 200 11.02 13.08 3.53
CA GLU B 200 11.86 12.39 4.49
C GLU B 200 11.69 10.88 4.34
N ALA B 201 10.44 10.44 4.24
CA ALA B 201 10.14 9.04 3.99
C ALA B 201 10.90 8.50 2.78
N TYR B 202 11.09 9.35 1.77
CA TYR B 202 11.76 8.92 0.55
C TYR B 202 13.28 8.86 0.70
N THR B 203 13.81 9.55 1.71
CA THR B 203 15.24 9.64 1.91
C THR B 203 15.66 9.21 3.31
N THR B 204 15.04 8.15 3.83
CA THR B 204 15.60 7.44 4.98
C THR B 204 16.36 6.20 4.51
N LYS B 205 16.98 5.51 5.46
CA LYS B 205 17.82 4.35 5.16
C LYS B 205 16.98 3.09 4.96
N VAL B 206 15.70 3.15 5.36
CA VAL B 206 14.85 1.97 5.39
C VAL B 206 13.69 2.11 4.42
N ALA B 207 13.83 3.04 3.48
CA ALA B 207 12.88 3.15 2.37
C ALA B 207 12.85 1.84 1.57
N SER B 208 11.65 1.47 1.13
CA SER B 208 11.48 0.37 0.18
C SER B 208 10.78 0.89 -1.06
N PRO B 209 10.82 0.11 -2.15
CA PRO B 209 10.05 0.44 -3.35
C PRO B 209 8.58 0.69 -3.04
N PHE B 210 8.05 -0.09 -2.10
CA PHE B 210 6.63 -0.05 -1.75
C PHE B 210 6.27 1.26 -1.05
N SER B 211 7.10 1.67 -0.10
CA SER B 211 6.89 2.94 0.58
C SER B 211 7.21 4.12 -0.33
N ASP B 212 8.20 3.95 -1.20
CA ASP B 212 8.52 4.93 -2.25
C ASP B 212 7.31 5.26 -3.13
N ALA B 213 6.56 4.23 -3.51
CA ALA B 213 5.40 4.43 -4.38
C ALA B 213 4.37 5.38 -3.76
N MET B 214 4.20 5.30 -2.44
CA MET B 214 3.23 6.16 -1.74
C MET B 214 3.79 7.55 -1.49
N ALA B 215 5.08 7.64 -1.15
CA ALA B 215 5.72 8.93 -0.93
C ALA B 215 5.69 9.80 -2.19
N ILE B 216 6.14 9.24 -3.31
CA ILE B 216 6.27 9.98 -4.55
C ILE B 216 4.92 10.59 -4.96
N LYS B 217 3.89 9.76 -4.92
CA LYS B 217 2.56 10.19 -5.35
C LYS B 217 2.01 11.27 -4.42
N ALA B 218 2.22 11.11 -3.11
CA ALA B 218 1.83 12.13 -2.15
C ALA B 218 2.52 13.47 -2.46
N ILE B 219 3.83 13.42 -2.72
CA ILE B 219 4.58 14.63 -3.05
C ILE B 219 4.01 15.28 -4.31
N LYS B 220 3.82 14.48 -5.35
CA LYS B 220 3.36 15.01 -6.62
C LYS B 220 2.02 15.71 -6.45
N THR B 221 1.18 15.14 -5.58
CA THR B 221 -0.18 15.63 -5.42
C THR B 221 -0.21 16.94 -4.62
N VAL B 222 0.56 16.98 -3.54
CA VAL B 222 0.65 18.21 -2.74
C VAL B 222 1.25 19.37 -3.52
N TYR B 223 2.31 19.09 -4.29
CA TYR B 223 2.92 20.13 -5.11
C TYR B 223 1.92 20.73 -6.10
N ARG B 224 1.15 19.86 -6.73
CA ARG B 224 0.20 20.28 -7.76
C ARG B 224 -1.01 21.03 -7.19
N TRP B 225 -1.53 20.56 -6.06
CA TRP B 225 -2.90 20.90 -5.66
C TRP B 225 -3.02 21.79 -4.42
N LEU B 226 -1.93 21.92 -3.65
CA LEU B 226 -2.02 22.55 -2.32
C LEU B 226 -2.34 24.04 -2.40
N PRO B 227 -1.63 24.78 -3.29
CA PRO B 227 -1.97 26.18 -3.52
C PRO B 227 -3.46 26.40 -3.85
N LEU B 228 -4.03 25.50 -4.62
CA LEU B 228 -5.47 25.56 -4.92
C LEU B 228 -6.31 25.21 -3.71
N SER B 229 -5.87 24.22 -2.92
CA SER B 229 -6.61 23.81 -1.72
C SER B 229 -6.65 24.94 -0.71
N VAL B 230 -5.53 25.64 -0.56
CA VAL B 230 -5.42 26.67 0.47
C VAL B 230 -6.40 27.80 0.16
N LYS B 231 -6.73 27.93 -1.12
CA LYS B 231 -7.65 28.97 -1.59
C LYS B 231 -9.09 28.45 -1.66
N GLY B 232 -9.28 27.17 -1.40
CA GLY B 232 -10.60 26.64 -1.03
C GLY B 232 -11.25 25.75 -2.08
N ASP B 233 -10.49 25.35 -3.10
CA ASP B 233 -11.03 24.48 -4.16
C ASP B 233 -11.48 23.14 -3.60
N GLU B 234 -12.67 22.69 -4.00
CA GLU B 234 -13.27 21.48 -3.45
C GLU B 234 -12.52 20.23 -3.86
N GLU B 235 -12.23 20.11 -5.15
CA GLU B 235 -11.51 18.96 -5.67
C GLU B 235 -10.14 18.86 -5.02
N ALA B 236 -9.42 19.98 -4.99
CA ALA B 236 -8.08 20.03 -4.43
C ALA B 236 -8.05 19.53 -2.98
N ARG B 237 -9.03 19.95 -2.19
CA ARG B 237 -9.13 19.52 -0.81
C ARG B 237 -9.18 18.00 -0.71
N ALA B 238 -9.92 17.38 -1.62
CA ALA B 238 -10.10 15.93 -1.62
C ALA B 238 -8.82 15.22 -2.04
N ARG B 239 -8.10 15.82 -2.97
CA ARG B 239 -6.87 15.21 -3.48
C ARG B 239 -5.75 15.27 -2.45
N VAL B 240 -5.67 16.36 -1.71
CA VAL B 240 -4.63 16.51 -0.69
C VAL B 240 -5.01 15.68 0.54
N HIS B 241 -6.29 15.48 0.75
CA HIS B 241 -6.73 14.67 1.87
C HIS B 241 -6.27 13.23 1.71
N TYR B 242 -6.34 12.72 0.49
CA TYR B 242 -5.88 11.36 0.21
C TYR B 242 -4.36 11.26 0.20
N ALA B 243 -3.70 12.32 -0.28
CA ALA B 243 -2.24 12.36 -0.30
C ALA B 243 -1.65 12.34 1.12
N ALA B 244 -2.41 12.87 2.08
CA ALA B 244 -1.97 12.92 3.46
C ALA B 244 -1.85 11.50 4.04
N THR B 245 -2.81 10.65 3.70
CA THR B 245 -2.80 9.26 4.14
C THR B 245 -1.72 8.45 3.41
N MET B 246 -1.57 8.70 2.12
CA MET B 246 -0.49 8.10 1.35
C MET B 246 0.86 8.32 2.04
N ALA B 247 1.15 9.56 2.40
CA ALA B 247 2.40 9.87 3.09
C ALA B 247 2.45 9.19 4.46
N GLY B 248 1.31 9.09 5.12
CA GLY B 248 1.17 8.32 6.35
C GLY B 248 1.54 6.86 6.17
N ILE B 249 1.04 6.25 5.11
CA ILE B 249 1.41 4.87 4.79
C ILE B 249 2.91 4.74 4.55
N ALA B 250 3.49 5.76 3.93
CA ALA B 250 4.91 5.75 3.60
C ALA B 250 5.81 5.81 4.84
N PHE B 251 5.56 6.76 5.75
CA PHE B 251 6.48 6.95 6.88
C PHE B 251 6.18 5.99 8.03
N LEU B 252 4.98 5.43 8.02
CA LEU B 252 4.70 4.22 8.82
C LEU B 252 5.78 3.18 8.60
N ASN B 253 6.19 3.01 7.34
CA ASN B 253 7.12 1.94 6.98
C ASN B 253 8.56 2.42 6.92
N ALA B 254 8.77 3.62 6.40
CA ALA B 254 10.12 4.12 6.12
C ALA B 254 10.67 5.00 7.27
N ARG B 255 9.78 5.43 8.15
CA ARG B 255 10.13 6.34 9.24
C ARG B 255 10.50 7.73 8.71
N LEU B 256 11.03 8.59 9.58
CA LEU B 256 11.36 9.96 9.21
C LEU B 256 12.79 10.32 9.63
N GLY B 257 13.11 11.61 9.61
CA GLY B 257 14.50 12.05 9.61
C GLY B 257 14.74 13.32 10.42
N LEU B 258 15.75 14.09 10.01
CA LEU B 258 16.30 15.13 10.86
C LEU B 258 15.37 16.35 10.96
N CYS B 259 14.65 16.64 9.88
CA CYS B 259 13.73 17.77 9.87
C CYS B 259 12.65 17.63 10.96
N HIS B 260 12.08 16.43 11.05
CA HIS B 260 11.05 16.16 12.06
C HIS B 260 11.59 16.34 13.46
N ALA B 261 12.71 15.68 13.75
CA ALA B 261 13.34 15.78 15.06
C ALA B 261 13.56 17.24 15.44
N MET B 262 14.12 18.01 14.51
CA MET B 262 14.39 19.42 14.74
C MET B 262 13.10 20.22 14.99
N SER B 263 12.02 19.85 14.31
CA SER B 263 10.75 20.56 14.45
C SER B 263 10.00 20.13 15.72
N HIS B 264 10.28 18.92 16.21
CA HIS B 264 9.79 18.51 17.51
C HIS B 264 10.35 19.40 18.62
N LYS B 265 11.65 19.68 18.56
CA LYS B 265 12.33 20.42 19.62
C LYS B 265 12.00 21.91 19.56
N ALA B 266 11.65 22.38 18.36
CA ALA B 266 11.36 23.79 18.13
C ALA B 266 9.86 24.07 18.31
N ALA B 267 9.16 23.19 19.01
CA ALA B 267 7.71 23.11 18.94
C ALA B 267 7.07 24.27 19.70
N TRP B 268 7.82 24.84 20.64
CA TRP B 268 7.35 25.97 21.43
C TRP B 268 7.28 27.25 20.59
N ILE B 269 8.09 27.32 19.55
CA ILE B 269 8.12 28.50 18.68
C ILE B 269 6.80 28.65 17.94
N GLY B 270 6.19 27.53 17.56
CA GLY B 270 4.99 27.55 16.74
C GLY B 270 4.69 26.20 16.12
N PRO B 271 3.73 26.18 15.18
CA PRO B 271 3.07 24.93 14.79
C PRO B 271 3.97 23.97 14.01
N HIS B 272 3.70 22.68 14.18
CA HIS B 272 4.62 21.62 13.82
C HIS B 272 4.93 21.63 12.32
N GLY B 273 3.88 21.72 11.51
CA GLY B 273 4.02 21.66 10.06
C GLY B 273 4.61 22.94 9.48
N LEU B 274 4.37 24.06 10.16
CA LEU B 274 4.95 25.33 9.73
C LEU B 274 6.47 25.29 9.86
N LEU B 275 6.95 24.86 11.03
CA LEU B 275 8.39 24.83 11.29
C LEU B 275 9.09 23.78 10.42
N ASN B 276 8.46 22.62 10.28
CA ASN B 276 8.91 21.61 9.34
C ASN B 276 9.30 22.21 7.98
N ALA B 277 8.38 22.95 7.39
CA ALA B 277 8.61 23.53 6.08
C ALA B 277 9.75 24.53 6.14
N VAL B 278 9.81 25.28 7.23
CA VAL B 278 10.81 26.34 7.39
C VAL B 278 12.22 25.75 7.46
N PHE B 279 12.34 24.60 8.10
CA PHE B 279 13.64 23.96 8.26
C PHE B 279 14.00 23.10 7.04
N LEU B 280 13.02 22.75 6.23
CA LEU B 280 13.20 21.69 5.25
C LEU B 280 14.36 22.00 4.31
N PRO B 281 14.32 23.19 3.67
CA PRO B 281 15.32 23.51 2.65
C PRO B 281 16.74 23.48 3.20
N TYR B 282 16.89 23.87 4.45
CA TYR B 282 18.19 23.87 5.12
C TYR B 282 18.67 22.45 5.40
N VAL B 283 17.76 21.61 5.92
CA VAL B 283 18.05 20.21 6.15
C VAL B 283 18.38 19.47 4.85
N MET B 284 17.66 19.79 3.78
CA MET B 284 17.94 19.23 2.46
C MET B 284 19.35 19.60 2.00
N GLU B 285 19.71 20.87 2.19
CA GLU B 285 21.04 21.36 1.83
C GLU B 285 22.12 20.60 2.58
N PHE B 286 21.96 20.51 3.90
CA PHE B 286 22.89 19.76 4.74
C PHE B 286 23.03 18.31 4.28
N ASN B 287 21.90 17.65 4.02
CA ASN B 287 21.91 16.24 3.67
C ASN B 287 22.57 15.99 2.31
N ALA B 288 22.36 16.89 1.37
CA ALA B 288 22.85 16.70 0.01
C ALA B 288 24.36 16.95 -0.09
N SER B 289 24.86 17.91 0.69
CA SER B 289 26.28 18.20 0.72
C SER B 289 27.09 17.05 1.34
N LYS B 290 26.50 16.37 2.30
CA LYS B 290 27.22 15.38 3.11
C LYS B 290 26.98 13.95 2.64
N SER B 291 25.99 13.75 1.77
CA SER B 291 25.53 12.41 1.44
C SER B 291 25.26 12.25 -0.05
N ASP B 292 25.90 11.26 -0.64
CA ASP B 292 25.71 10.95 -2.06
C ASP B 292 24.37 10.24 -2.29
N TYR B 293 23.85 9.62 -1.23
CA TYR B 293 22.54 8.96 -1.28
C TYR B 293 21.40 9.98 -1.33
N ALA B 294 21.43 10.95 -0.42
CA ALA B 294 20.42 11.98 -0.35
C ALA B 294 20.35 12.76 -1.67
N ARG B 295 21.53 13.11 -2.19
CA ARG B 295 21.62 13.89 -3.42
C ARG B 295 20.95 13.15 -4.57
N ARG B 296 21.27 11.88 -4.71
CA ARG B 296 20.64 11.03 -5.70
C ARG B 296 19.11 11.03 -5.53
N ARG B 297 18.65 10.88 -4.28
CA ARG B 297 17.23 10.65 -4.02
C ARG B 297 16.42 11.93 -4.24
N TYR B 298 16.91 13.05 -3.71
CA TYR B 298 16.31 14.35 -4.00
C TYR B 298 16.20 14.58 -5.50
N ALA B 299 17.23 14.14 -6.23
CA ALA B 299 17.28 14.36 -7.67
C ALA B 299 16.16 13.59 -8.34
N GLU B 300 15.86 12.42 -7.81
CA GLU B 300 14.79 11.57 -8.32
C GLU B 300 13.42 12.22 -8.14
N ILE B 301 13.20 12.78 -6.96
CA ILE B 301 11.96 13.53 -6.70
C ILE B 301 11.86 14.71 -7.65
N ALA B 302 12.96 15.44 -7.81
CA ALA B 302 13.01 16.58 -8.73
C ALA B 302 12.50 16.20 -10.12
N ARG B 303 12.99 15.09 -10.64
CA ARG B 303 12.58 14.62 -11.96
C ARG B 303 11.08 14.31 -12.02
N GLU B 304 10.55 13.80 -10.93
CA GLU B 304 9.13 13.46 -10.86
C GLU B 304 8.25 14.71 -10.86
N LEU B 305 8.84 15.85 -10.51
CA LEU B 305 8.15 17.13 -10.63
C LEU B 305 8.49 17.86 -11.93
N GLY B 306 9.27 17.22 -12.79
CA GLY B 306 9.62 17.78 -14.09
C GLY B 306 10.79 18.74 -14.02
N PHE B 307 11.65 18.57 -13.01
CA PHE B 307 12.94 19.23 -12.98
C PHE B 307 14.04 18.17 -13.10
N GLN B 308 15.22 18.47 -12.56
CA GLN B 308 16.43 17.75 -12.93
C GLN B 308 17.31 17.41 -11.72
N THR B 309 17.65 18.41 -10.93
CA THR B 309 18.73 18.27 -9.95
C THR B 309 18.23 18.42 -8.53
N ALA B 310 19.05 18.01 -7.56
CA ALA B 310 18.73 18.19 -6.15
C ALA B 310 18.63 19.67 -5.79
N LYS B 311 19.46 20.48 -6.43
CA LYS B 311 19.40 21.93 -6.27
C LYS B 311 18.04 22.47 -6.71
N ASP B 312 17.49 21.85 -7.76
CA ASP B 312 16.18 22.23 -8.27
C ASP B 312 15.09 21.98 -7.22
N LEU B 313 15.19 20.87 -6.51
CA LEU B 313 14.17 20.54 -5.50
C LEU B 313 14.18 21.53 -4.34
N ILE B 314 15.38 21.85 -3.85
CA ILE B 314 15.51 22.80 -2.76
C ILE B 314 14.91 24.15 -3.14
N GLU B 315 15.10 24.54 -4.40
CA GLU B 315 14.61 25.82 -4.89
C GLU B 315 13.10 25.77 -5.09
N VAL B 316 12.62 24.66 -5.63
CA VAL B 316 11.18 24.40 -5.72
C VAL B 316 10.49 24.56 -4.37
N VAL B 317 11.13 24.09 -3.30
CA VAL B 317 10.50 24.08 -1.98
C VAL B 317 10.55 25.47 -1.33
N LYS B 318 11.66 26.17 -1.50
CA LYS B 318 11.76 27.56 -1.08
C LYS B 318 10.70 28.41 -1.77
N GLU B 319 10.50 28.15 -3.06
CA GLU B 319 9.57 28.92 -3.86
C GLU B 319 8.14 28.67 -3.40
N LEU B 320 7.85 27.42 -3.03
CA LEU B 320 6.50 27.04 -2.62
C LEU B 320 6.16 27.63 -1.26
N ASN B 321 7.15 27.70 -0.39
CA ASN B 321 7.03 28.46 0.85
C ASN B 321 6.67 29.92 0.61
N GLU B 322 7.37 30.56 -0.32
CA GLU B 322 7.12 31.97 -0.61
C GLU B 322 5.73 32.17 -1.18
N MET B 323 5.35 31.31 -2.11
CA MET B 323 4.01 31.31 -2.71
C MET B 323 2.94 31.30 -1.63
N LEU B 324 3.06 30.39 -0.66
CA LEU B 324 1.99 30.16 0.31
C LEU B 324 2.16 31.09 1.50
N GLY B 325 3.20 31.91 1.46
CA GLY B 325 3.39 32.96 2.46
C GLY B 325 3.84 32.41 3.79
N VAL B 326 4.72 31.41 3.75
CA VAL B 326 5.34 30.87 4.96
C VAL B 326 6.34 31.88 5.52
N PRO B 327 6.20 32.21 6.81
CA PRO B 327 7.06 33.22 7.44
C PRO B 327 8.53 32.83 7.43
N LYS B 328 9.40 33.85 7.52
CA LYS B 328 10.77 33.66 7.99
C LYS B 328 10.79 33.32 9.48
N LEU B 329 11.80 32.60 9.92
CA LEU B 329 11.83 32.06 11.28
C LEU B 329 11.90 33.19 12.31
N GLY B 330 12.45 34.33 11.90
CA GLY B 330 12.65 35.45 12.80
C GLY B 330 11.50 36.44 12.79
N GLU B 331 10.42 36.10 12.08
CA GLU B 331 9.16 36.80 12.22
C GLU B 331 8.26 36.13 13.27
N LEU B 332 8.78 35.06 13.88
CA LEU B 332 8.01 34.30 14.87
C LEU B 332 8.63 34.42 16.26
N VAL B 333 9.95 34.57 16.32
CA VAL B 333 10.67 34.65 17.58
C VAL B 333 11.83 35.65 17.51
N ASP B 334 12.02 36.42 18.57
CA ASP B 334 13.11 37.40 18.63
C ASP B 334 14.44 36.69 18.87
N GLU B 335 15.53 37.41 18.64
CA GLU B 335 16.82 36.79 18.39
C GLU B 335 17.48 36.30 19.69
N GLU B 336 17.01 36.82 20.82
CA GLU B 336 17.62 36.50 22.11
C GLU B 336 16.89 35.34 22.79
N THR B 337 15.56 35.39 22.79
CA THR B 337 14.75 34.23 23.09
C THR B 337 15.31 32.99 22.39
N PHE B 338 15.63 33.15 21.10
CA PHE B 338 16.04 32.02 20.26
C PHE B 338 17.45 31.54 20.61
N ALA B 339 18.41 32.46 20.61
CA ALA B 339 19.83 32.10 20.76
C ALA B 339 20.12 31.58 22.16
N SER B 340 19.22 31.88 23.10
CA SER B 340 19.26 31.27 24.42
C SER B 340 18.96 29.78 24.36
N LYS B 341 17.83 29.43 23.77
CA LYS B 341 17.34 28.06 23.79
C LYS B 341 18.05 27.17 22.77
N VAL B 342 18.88 27.77 21.92
CA VAL B 342 19.38 27.10 20.72
C VAL B 342 20.50 26.11 21.06
N GLU B 343 21.15 26.31 22.20
CA GLU B 343 22.16 25.37 22.69
C GLU B 343 21.49 24.07 23.10
N GLU B 344 20.36 24.20 23.80
CA GLU B 344 19.69 23.08 24.43
C GLU B 344 18.80 22.32 23.43
N MET B 345 18.46 22.99 22.33
CA MET B 345 17.64 22.38 21.27
C MET B 345 18.47 21.43 20.41
N ALA B 346 19.69 21.83 20.10
CA ALA B 346 20.59 21.01 19.31
C ALA B 346 21.11 19.81 20.10
N GLU B 347 21.08 19.93 21.43
CA GLU B 347 21.49 18.84 22.32
C GLU B 347 20.50 17.67 22.25
N LYS B 348 19.21 17.98 22.37
CA LYS B 348 18.20 16.95 22.53
C LYS B 348 17.70 16.43 21.18
N THR B 349 17.99 17.17 20.11
CA THR B 349 17.79 16.65 18.74
C THR B 349 18.81 15.55 18.46
N TYR B 350 19.94 15.62 19.13
CA TYR B 350 20.98 14.59 19.00
C TYR B 350 20.56 13.28 19.67
N HIS B 351 19.73 13.39 20.70
CA HIS B 351 19.28 12.23 21.47
C HIS B 351 17.97 11.67 20.93
N ASP B 352 17.54 12.14 19.77
CA ASP B 352 16.30 11.69 19.15
C ASP B 352 16.52 10.45 18.29
N GLY B 353 15.63 9.46 18.43
CA GLY B 353 15.80 8.16 17.79
C GLY B 353 15.62 8.22 16.28
N LEU B 354 15.09 9.34 15.80
CA LEU B 354 14.78 9.50 14.38
C LEU B 354 16.03 9.73 13.53
N ILE B 355 17.12 10.16 14.15
CA ILE B 355 18.35 10.48 13.40
C ILE B 355 19.11 9.21 13.01
N ALA B 356 18.69 8.08 13.57
CA ALA B 356 19.18 6.77 13.13
C ALA B 356 18.68 6.43 11.73
N PHE B 357 17.61 7.08 11.30
CA PHE B 357 17.02 6.83 9.99
C PHE B 357 17.47 7.87 8.95
N ASN B 358 17.86 9.05 9.43
CA ASN B 358 18.43 10.08 8.55
C ASN B 358 19.66 9.55 7.81
N PRO B 359 19.86 10.02 6.56
CA PRO B 359 20.95 9.50 5.73
C PRO B 359 22.31 10.07 6.10
N VAL B 360 22.34 11.05 7.01
CA VAL B 360 23.56 11.42 7.71
C VAL B 360 23.30 11.48 9.20
N GLU B 361 24.26 11.00 9.99
CA GLU B 361 24.24 11.19 11.43
C GLU B 361 25.03 12.45 11.81
N PRO B 362 24.32 13.55 12.08
CA PRO B 362 24.97 14.80 12.47
C PRO B 362 25.43 14.76 13.92
N LYS B 363 26.52 15.46 14.21
CA LYS B 363 26.90 15.74 15.59
C LYS B 363 26.16 16.97 16.12
N PRO B 364 26.14 17.15 17.45
CA PRO B 364 25.32 18.20 18.06
C PRO B 364 25.66 19.61 17.59
N GLU B 365 26.88 19.79 17.10
CA GLU B 365 27.38 21.12 16.74
C GLU B 365 26.87 21.53 15.37
N GLU B 366 26.88 20.58 14.43
CA GLU B 366 26.32 20.79 13.10
C GLU B 366 24.82 21.10 13.17
N ILE B 367 24.11 20.39 14.04
CA ILE B 367 22.68 20.63 14.27
C ILE B 367 22.44 22.07 14.71
N LYS B 368 23.33 22.61 15.52
CA LYS B 368 23.18 23.96 16.04
C LYS B 368 23.30 25.00 14.93
N GLU B 369 24.27 24.81 14.03
CA GLU B 369 24.49 25.76 12.95
C GLU B 369 23.37 25.68 11.91
N LEU B 370 22.61 24.59 11.94
CA LEU B 370 21.42 24.47 11.09
C LEU B 370 20.28 25.32 11.62
N TYR B 371 19.98 25.19 12.92
CA TYR B 371 19.01 26.08 13.58
C TYR B 371 19.34 27.55 13.31
N LEU B 372 20.62 27.86 13.15
CA LEU B 372 21.08 29.24 13.09
C LEU B 372 21.11 29.78 11.65
N LYS B 373 21.49 28.94 10.69
CA LYS B 373 21.28 29.25 9.27
C LYS B 373 19.82 29.64 9.02
N ALA B 374 18.90 28.88 9.62
CA ALA B 374 17.48 29.04 9.34
C ALA B 374 16.94 30.33 9.94
N TYR B 375 17.49 30.72 11.09
CA TYR B 375 17.19 32.02 11.68
C TYR B 375 17.80 33.15 10.87
N ARG B 376 19.00 32.93 10.35
CA ARG B 376 19.65 33.90 9.48
C ARG B 376 18.79 34.18 8.24
N GLY B 377 17.96 33.20 7.87
CA GLY B 377 17.24 33.25 6.61
C GLY B 377 18.18 33.06 5.44
N GLU B 378 19.20 32.24 5.64
CA GLU B 378 20.33 32.17 4.71
C GLU B 378 19.84 31.96 3.28
#